data_4HC1
#
_entry.id   4HC1
#
_cell.length_a   317.854
_cell.length_b   71.727
_cell.length_c   70.557
_cell.angle_alpha   90.00
_cell.angle_beta   93.29
_cell.angle_gamma   90.00
#
_symmetry.space_group_name_H-M   'C 1 2 1'
#
loop_
_entity.id
_entity.type
_entity.pdbx_description
1 polymer 'Mucosal addressin cell adhesion molecule 1'
2 polymer '10G3 heavy chain'
3 polymer '10G3 light chain'
4 non-polymer 2-acetamido-2-deoxy-beta-D-glucopyranose
5 water water
#
loop_
_entity_poly.entity_id
_entity_poly.type
_entity_poly.pdbx_seq_one_letter_code
_entity_poly.pdbx_strand_id
1 'polypeptide(L)'
;VKPLQVEPPEPVVAVALGASRQLTCRLACADRGASVQWRGLDTSLGAVQSDTGRSVLTVRNASLSAAGTRVCVGSCGGRT
FQHTVQLLVYAFPNQLTVSPAALVPGDPEVACTAHKVTPVDPNALSFSLLVGGQELEGAQALGPEVQQEPIGGDVLFRVT
ERWRLPPLGTPVPPALYCQATMRLPGLELSHRQAIPVLGGENLYFQ
;
A,B
2 'polypeptide(L)'
;DVQLQESGPGLVKPSQSLSLTCSVTGYSITSGYYWNWIRQFPGNKLEWMGYISYDGSNNYNPSLKNRVSITRDTSKNHFF
LKLSSVTTEDTATYYCARASDSDGFAYWGQGTLVTVSAAKTTAPSVYPLAPVCGGTTGSSVTLGCLVKGYFPEPVTLTWN
SGSLSSGVHTFPAILQSGLYTLSSSVTVTSNTWPSQTITCNVAHPASSTKVDKKIEPRVP
;
H,M
3 'polypeptide(L)'
;DILMTQSPSSMSVSLGDTVSFTCHASQGIGRNIGWLQQKPGKSFKGLIYHGTNLKDGVPSRFSGSGSGADYSLTISRIES
EDFADYYCIQYVQFPYTFGGGTKLEIKRADAAPTVSIFPPSSEQLTSGGASVVCFLNNFYPKDINVKWKIDGSERQNGVL
NSWTDQDSKDSTYSMSSTLTLTKDEYERHNSYTCEATHKTSTSPIVKSFNRNEC
;
L,N
#
# COMPACT_ATOMS: atom_id res chain seq x y z
N PRO A 9 11.98 27.22 1.48
CA PRO A 9 11.99 26.01 0.66
C PRO A 9 11.18 24.87 1.28
N GLU A 10 9.92 24.76 0.88
CA GLU A 10 9.04 23.72 1.41
C GLU A 10 9.38 22.34 0.85
N PRO A 11 9.74 21.39 1.72
CA PRO A 11 10.06 20.03 1.30
C PRO A 11 8.89 19.38 0.54
N VAL A 12 9.18 18.35 -0.25
CA VAL A 12 8.15 17.68 -1.02
C VAL A 12 8.37 16.18 -0.91
N VAL A 13 7.38 15.48 -0.39
CA VAL A 13 7.44 14.03 -0.27
C VAL A 13 6.48 13.39 -1.26
N ALA A 14 7.02 12.62 -2.19
CA ALA A 14 6.20 11.95 -3.20
C ALA A 14 5.87 10.53 -2.79
N VAL A 15 4.62 10.14 -2.98
CA VAL A 15 4.19 8.78 -2.71
C VAL A 15 3.22 8.35 -3.80
N ALA A 16 3.40 7.15 -4.33
CA ALA A 16 2.55 6.65 -5.40
C ALA A 16 1.16 6.34 -4.86
N LEU A 17 0.14 6.50 -5.70
CA LEU A 17 -1.23 6.22 -5.30
C LEU A 17 -1.35 4.74 -4.90
N GLY A 18 -1.85 4.51 -3.69
CA GLY A 18 -2.03 3.17 -3.17
C GLY A 18 -0.84 2.68 -2.39
N ALA A 19 0.24 3.46 -2.41
CA ALA A 19 1.47 3.12 -1.72
C ALA A 19 1.42 3.62 -0.27
N SER A 20 2.49 3.35 0.48
CA SER A 20 2.57 3.79 1.86
C SER A 20 3.78 4.68 2.07
N ARG A 21 3.72 5.52 3.10
CA ARG A 21 4.82 6.40 3.43
C ARG A 21 4.67 6.90 4.86
N GLN A 22 5.78 7.04 5.58
CA GLN A 22 5.75 7.57 6.93
C GLN A 22 6.48 8.91 7.05
N LEU A 23 5.75 9.94 7.45
CA LEU A 23 6.33 11.24 7.72
C LEU A 23 6.57 11.42 9.22
N THR A 24 7.80 11.76 9.59
CA THR A 24 8.17 11.87 11.00
C THR A 24 8.59 13.29 11.36
N CYS A 25 8.06 13.79 12.47
CA CYS A 25 8.39 15.12 12.96
C CYS A 25 8.91 15.07 14.39
N ARG A 26 10.13 15.53 14.60
CA ARG A 26 10.72 15.52 15.94
C ARG A 26 10.83 16.93 16.48
N LEU A 27 10.79 17.04 17.80
CA LEU A 27 10.92 18.32 18.49
C LEU A 27 11.94 18.20 19.61
N ALA A 28 12.92 19.09 19.61
CA ALA A 28 13.91 19.11 20.67
C ALA A 28 13.45 20.06 21.79
N CYS A 29 12.79 19.48 22.77
CA CYS A 29 12.22 20.22 23.90
C CYS A 29 12.63 19.54 25.20
N ALA A 30 13.42 20.22 26.02
CA ALA A 30 13.83 19.65 27.29
C ALA A 30 13.00 20.16 28.46
N ASP A 31 11.73 20.46 28.22
CA ASP A 31 10.86 20.96 29.28
C ASP A 31 9.66 20.04 29.49
N ARG A 32 8.75 20.45 30.37
CA ARG A 32 7.53 19.71 30.64
C ARG A 32 6.40 20.26 29.79
N GLY A 33 5.43 19.40 29.47
CA GLY A 33 4.29 19.79 28.67
C GLY A 33 4.74 19.99 27.24
N ALA A 34 5.71 19.17 26.84
CA ALA A 34 6.26 19.18 25.50
C ALA A 34 5.36 18.34 24.61
N SER A 35 4.87 18.93 23.53
CA SER A 35 4.07 18.15 22.58
C SER A 35 4.47 18.49 21.14
N VAL A 36 4.42 17.46 20.31
CA VAL A 36 4.62 17.60 18.87
C VAL A 36 3.56 16.76 18.16
N GLN A 37 2.97 17.35 17.12
CA GLN A 37 1.79 16.77 16.50
C GLN A 37 1.68 17.10 15.02
N TRP A 38 1.26 16.12 14.22
CA TRP A 38 0.90 16.35 12.84
C TRP A 38 -0.57 16.77 12.88
N ARG A 39 -0.91 17.83 12.16
CA ARG A 39 -2.30 18.28 12.11
C ARG A 39 -3.19 17.28 11.37
N GLY A 40 -4.00 16.56 12.14
CA GLY A 40 -4.81 15.50 11.55
C GLY A 40 -5.89 16.05 10.65
N LEU A 41 -6.19 15.29 9.61
CA LEU A 41 -7.23 15.67 8.65
C LEU A 41 -8.53 14.96 8.96
N ASP A 42 -9.64 15.54 8.54
CA ASP A 42 -10.95 14.93 8.79
C ASP A 42 -11.15 13.69 7.94
N THR A 43 -10.14 13.34 7.14
CA THR A 43 -10.22 12.16 6.28
C THR A 43 -9.47 10.96 6.85
N SER A 44 -8.83 11.14 8.00
CA SER A 44 -8.10 10.06 8.66
C SER A 44 -8.58 9.84 10.09
N LEU A 45 -8.24 8.68 10.65
CA LEU A 45 -8.55 8.38 12.05
C LEU A 45 -7.55 7.36 12.59
N GLY A 46 -6.60 7.85 13.38
CA GLY A 46 -5.53 7.00 13.91
C GLY A 46 -4.28 7.05 13.05
N ALA A 47 -4.23 7.99 12.12
CA ALA A 47 -3.10 8.10 11.19
C ALA A 47 -1.85 8.66 11.87
N VAL A 48 -2.05 9.43 12.93
CA VAL A 48 -0.94 10.05 13.64
C VAL A 48 -0.64 9.31 14.94
N GLN A 49 0.65 9.00 15.15
CA GLN A 49 1.12 8.44 16.40
C GLN A 49 2.15 9.39 17.00
N SER A 50 1.73 10.06 18.07
CA SER A 50 2.50 11.15 18.66
C SER A 50 3.15 10.71 19.96
N ASP A 51 4.21 11.40 20.34
CA ASP A 51 4.80 11.21 21.65
C ASP A 51 5.11 12.59 22.23
N THR A 52 6.19 12.75 22.98
CA THR A 52 6.50 14.07 23.56
C THR A 52 7.63 14.73 22.80
N GLY A 53 8.36 13.95 21.99
CA GLY A 53 9.47 14.48 21.23
C GLY A 53 9.47 14.03 19.79
N ARG A 54 8.42 13.34 19.37
CA ARG A 54 8.36 12.81 18.01
C ARG A 54 6.92 12.45 17.65
N SER A 55 6.56 12.69 16.39
CA SER A 55 5.23 12.37 15.90
C SER A 55 5.31 11.82 14.49
N VAL A 56 4.65 10.68 14.26
CA VAL A 56 4.75 9.98 13.00
C VAL A 56 3.40 9.91 12.27
N LEU A 57 3.30 10.65 11.16
CA LEU A 57 2.12 10.54 10.31
C LEU A 57 2.29 9.33 9.42
N THR A 58 1.23 8.53 9.33
CA THR A 58 1.27 7.30 8.54
C THR A 58 0.21 7.32 7.44
N VAL A 59 0.64 7.01 6.22
CA VAL A 59 -0.28 6.95 5.09
C VAL A 59 -0.24 5.56 4.47
N ARG A 60 -1.35 4.82 4.58
CA ARG A 60 -1.48 3.53 3.92
C ARG A 60 -2.49 3.67 2.80
N ASN A 61 -2.32 2.88 1.73
CA ASN A 61 -3.24 2.96 0.60
C ASN A 61 -3.48 4.43 0.27
N ALA A 62 -2.41 5.12 -0.13
CA ALA A 62 -2.48 6.56 -0.33
C ALA A 62 -3.51 6.94 -1.39
N SER A 63 -4.47 7.75 -0.99
CA SER A 63 -5.46 8.27 -1.92
C SER A 63 -5.13 9.72 -2.25
N LEU A 64 -5.88 10.30 -3.17
CA LEU A 64 -5.66 11.69 -3.55
C LEU A 64 -6.11 12.63 -2.43
N SER A 65 -7.02 12.16 -1.59
CA SER A 65 -7.53 12.95 -0.48
C SER A 65 -6.45 13.25 0.56
N ALA A 66 -5.54 12.30 0.75
CA ALA A 66 -4.49 12.46 1.75
C ALA A 66 -3.45 13.45 1.25
N ALA A 67 -3.55 13.81 -0.03
CA ALA A 67 -2.58 14.70 -0.65
C ALA A 67 -2.86 16.13 -0.23
N GLY A 68 -1.80 16.90 -0.07
CA GLY A 68 -1.95 18.30 0.27
C GLY A 68 -0.78 18.79 1.09
N THR A 69 -1.03 19.84 1.85
CA THR A 69 -0.02 20.38 2.74
C THR A 69 -0.25 19.80 4.13
N ARG A 70 0.79 19.19 4.70
CA ARG A 70 0.72 18.68 6.06
C ARG A 70 1.56 19.55 6.97
N VAL A 71 1.01 19.87 8.13
CA VAL A 71 1.66 20.78 9.06
C VAL A 71 2.02 20.01 10.32
N CYS A 72 3.23 20.22 10.82
CA CYS A 72 3.63 19.61 12.07
C CYS A 72 3.79 20.71 13.09
N VAL A 73 2.99 20.66 14.14
CA VAL A 73 2.99 21.66 15.19
C VAL A 73 3.65 21.13 16.45
N GLY A 74 4.53 21.93 17.04
CA GLY A 74 5.18 21.55 18.28
C GLY A 74 5.04 22.65 19.32
N SER A 75 4.95 22.25 20.58
CA SER A 75 4.89 23.17 21.70
C SER A 75 5.94 22.76 22.73
N CYS A 76 6.68 23.75 23.22
CA CYS A 76 7.72 23.49 24.22
C CYS A 76 7.76 24.63 25.24
N GLY A 77 7.14 24.39 26.38
CA GLY A 77 7.11 25.36 27.46
C GLY A 77 6.37 26.61 27.05
N GLY A 78 5.16 26.42 26.52
CA GLY A 78 4.33 27.53 26.11
C GLY A 78 4.84 28.19 24.85
N ARG A 79 5.76 27.54 24.16
CA ARG A 79 6.30 28.05 22.92
C ARG A 79 5.99 27.15 21.73
N THR A 80 5.25 27.69 20.75
CA THR A 80 4.82 26.89 19.61
C THR A 80 5.67 27.07 18.36
N PHE A 81 5.91 25.97 17.66
CA PHE A 81 6.66 25.96 16.42
C PHE A 81 5.83 25.24 15.36
N GLN A 82 6.08 25.55 14.09
CA GLN A 82 5.48 24.78 13.01
C GLN A 82 6.36 24.71 11.76
N HIS A 83 6.42 23.51 11.16
CA HIS A 83 7.17 23.28 9.94
C HIS A 83 6.24 22.58 8.95
N THR A 84 6.24 23.05 7.70
CA THR A 84 5.37 22.48 6.67
C THR A 84 6.09 21.51 5.74
N VAL A 85 5.36 20.51 5.26
CA VAL A 85 5.85 19.61 4.23
C VAL A 85 4.76 19.34 3.19
N GLN A 86 5.14 19.38 1.92
CA GLN A 86 4.21 19.12 0.85
C GLN A 86 4.13 17.62 0.55
N LEU A 87 2.97 17.02 0.78
CA LEU A 87 2.76 15.61 0.45
C LEU A 87 2.15 15.43 -0.93
N LEU A 88 2.89 14.80 -1.83
CA LEU A 88 2.46 14.65 -3.21
C LEU A 88 2.07 13.21 -3.55
N VAL A 89 0.80 12.99 -3.86
CA VAL A 89 0.35 11.69 -4.28
C VAL A 89 0.26 11.67 -5.80
N TYR A 90 1.15 10.91 -6.44
CA TYR A 90 1.20 10.87 -7.90
C TYR A 90 0.69 9.54 -8.42
N ALA A 91 0.16 9.56 -9.64
CA ALA A 91 -0.30 8.36 -10.30
C ALA A 91 0.22 8.36 -11.73
N PHE A 92 1.05 7.38 -12.06
CA PHE A 92 1.66 7.33 -13.38
C PHE A 92 1.59 5.92 -13.94
N PRO A 93 0.37 5.49 -14.31
CA PRO A 93 0.10 4.14 -14.83
C PRO A 93 0.68 3.94 -16.21
N ASN A 94 0.84 2.69 -16.61
CA ASN A 94 1.27 2.36 -17.97
C ASN A 94 0.07 2.33 -18.90
N GLN A 95 -0.54 3.49 -19.14
CA GLN A 95 -1.69 3.58 -20.02
C GLN A 95 -1.49 4.70 -21.03
N LEU A 96 -0.65 4.43 -22.03
CA LEU A 96 -0.42 5.35 -23.12
C LEU A 96 -1.15 4.89 -24.37
N THR A 97 -1.77 5.83 -25.08
CA THR A 97 -2.40 5.52 -26.37
C THR A 97 -1.86 6.47 -27.43
N VAL A 98 -1.78 5.98 -28.66
CA VAL A 98 -1.25 6.79 -29.75
C VAL A 98 -2.21 6.86 -30.93
N SER A 99 -2.34 8.05 -31.52
CA SER A 99 -3.14 8.24 -32.71
C SER A 99 -2.31 8.87 -33.82
N PRO A 100 -2.19 8.20 -34.97
CA PRO A 100 -2.80 6.90 -35.29
C PRO A 100 -1.96 5.75 -34.73
N ALA A 101 -2.53 4.56 -34.67
CA ALA A 101 -1.85 3.42 -34.06
C ALA A 101 -0.58 3.10 -34.84
N ALA A 102 -0.59 3.35 -36.14
CA ALA A 102 0.60 3.13 -36.96
C ALA A 102 0.85 4.35 -37.83
N LEU A 103 2.08 4.50 -38.30
CA LEU A 103 2.46 5.66 -39.12
C LEU A 103 2.87 5.28 -40.53
N VAL A 104 2.63 6.20 -41.45
CA VAL A 104 3.08 6.06 -42.82
C VAL A 104 4.01 7.22 -43.17
N PRO A 105 5.17 6.91 -43.76
CA PRO A 105 6.09 7.98 -44.16
C PRO A 105 5.38 9.04 -44.98
N GLY A 106 5.40 10.29 -44.50
CA GLY A 106 4.71 11.38 -45.17
C GLY A 106 3.66 12.00 -44.27
N ASP A 107 3.23 11.23 -43.27
CA ASP A 107 2.26 11.71 -42.29
C ASP A 107 2.74 13.00 -41.63
N PRO A 108 1.82 13.96 -41.40
CA PRO A 108 2.21 15.23 -40.82
C PRO A 108 2.17 15.27 -39.27
N GLU A 109 1.44 14.37 -38.63
CA GLU A 109 1.31 14.42 -37.18
C GLU A 109 1.23 13.06 -36.49
N VAL A 110 1.43 13.09 -35.18
CA VAL A 110 1.22 11.94 -34.31
C VAL A 110 0.79 12.45 -32.95
N ALA A 111 -0.08 11.71 -32.27
CA ALA A 111 -0.57 12.15 -30.97
C ALA A 111 -0.32 11.07 -29.92
N CYS A 112 0.18 11.47 -28.76
CA CYS A 112 0.29 10.57 -27.62
C CYS A 112 -0.60 11.04 -26.48
N THR A 113 -1.19 10.09 -25.75
CA THR A 113 -2.06 10.44 -24.63
C THR A 113 -1.76 9.55 -23.42
N ALA A 114 -1.44 10.19 -22.29
CA ALA A 114 -1.26 9.50 -21.02
C ALA A 114 -2.56 9.52 -20.25
N HIS A 115 -2.97 8.37 -19.72
CA HIS A 115 -4.27 8.26 -19.04
C HIS A 115 -4.14 8.09 -17.52
N LYS A 116 -5.14 8.62 -16.79
CA LYS A 116 -5.22 8.46 -15.34
C LYS A 116 -3.93 8.89 -14.67
N VAL A 117 -3.48 10.10 -15.00
CA VAL A 117 -2.18 10.59 -14.56
C VAL A 117 -2.28 11.86 -13.70
N THR A 118 -1.32 12.03 -12.78
CA THR A 118 -1.23 13.25 -11.97
C THR A 118 0.10 13.24 -11.22
N PRO A 119 0.77 14.40 -11.13
CA PRO A 119 0.34 15.70 -11.65
C PRO A 119 0.47 15.83 -13.16
N VAL A 120 0.03 16.98 -13.69
CA VAL A 120 0.06 17.24 -15.12
C VAL A 120 0.90 18.47 -15.44
N ASP A 121 1.48 19.06 -14.40
CA ASP A 121 2.35 20.22 -14.53
C ASP A 121 3.48 19.91 -15.52
N PRO A 122 3.68 20.76 -16.53
CA PRO A 122 4.75 20.58 -17.51
C PRO A 122 6.12 20.31 -16.88
N ASN A 123 6.40 20.94 -15.74
CA ASN A 123 7.68 20.76 -15.07
C ASN A 123 7.82 19.35 -14.52
N ALA A 124 6.71 18.62 -14.47
CA ALA A 124 6.69 17.26 -13.96
C ALA A 124 6.47 16.27 -15.11
N LEU A 125 5.38 16.49 -15.85
CA LEU A 125 5.01 15.59 -16.94
C LEU A 125 5.47 16.12 -18.30
N SER A 126 6.45 15.45 -18.89
CA SER A 126 6.99 15.85 -20.19
C SER A 126 6.81 14.74 -21.22
N PHE A 127 6.65 15.11 -22.48
CA PHE A 127 6.53 14.15 -23.56
C PHE A 127 7.66 14.30 -24.57
N SER A 128 8.13 13.16 -25.08
CA SER A 128 9.13 13.16 -26.13
C SER A 128 8.88 12.01 -27.10
N LEU A 129 9.13 12.29 -28.37
CA LEU A 129 8.95 11.32 -29.43
C LEU A 129 10.31 10.74 -29.82
N LEU A 130 10.54 9.49 -29.47
CA LEU A 130 11.84 8.85 -29.69
C LEU A 130 11.90 8.04 -30.98
N VAL A 131 13.09 7.96 -31.57
CA VAL A 131 13.35 7.00 -32.63
C VAL A 131 14.63 6.20 -32.35
N GLY A 132 14.49 4.89 -32.24
CA GLY A 132 15.62 4.02 -31.92
C GLY A 132 16.44 4.39 -30.70
N GLY A 133 15.77 4.72 -29.60
CA GLY A 133 16.48 5.08 -28.38
C GLY A 133 16.32 6.53 -27.97
N GLN A 134 16.76 7.46 -28.82
CA GLN A 134 16.78 8.87 -28.46
C GLN A 134 15.71 9.67 -29.20
N GLU A 135 15.68 10.98 -28.96
CA GLU A 135 14.66 11.82 -29.57
C GLU A 135 14.82 12.00 -31.08
N LEU A 136 13.66 12.01 -31.75
CA LEU A 136 13.57 12.17 -33.19
C LEU A 136 13.71 13.63 -33.59
N GLU A 137 14.86 14.05 -34.13
CA GLU A 137 15.01 15.45 -34.53
C GLU A 137 14.10 15.75 -35.71
N GLY A 138 13.69 17.00 -35.83
CA GLY A 138 12.75 17.41 -36.86
C GLY A 138 11.31 17.38 -36.39
N ALA A 139 11.10 16.91 -35.16
CA ALA A 139 9.78 16.92 -34.57
C ALA A 139 9.48 18.32 -34.05
N GLN A 140 8.25 18.52 -33.60
CA GLN A 140 7.81 19.81 -33.10
C GLN A 140 6.56 19.65 -32.26
N ALA A 141 6.71 19.69 -30.94
CA ALA A 141 5.56 19.53 -30.05
C ALA A 141 4.62 20.70 -30.27
N LEU A 142 3.32 20.43 -30.23
CA LEU A 142 2.32 21.45 -30.50
C LEU A 142 1.53 21.77 -29.25
N GLY A 143 2.20 21.72 -28.10
CA GLY A 143 1.60 22.09 -26.83
C GLY A 143 0.64 21.04 -26.29
N PRO A 144 0.79 20.68 -25.01
CA PRO A 144 -0.07 19.68 -24.37
C PRO A 144 -1.52 20.14 -24.29
N GLU A 145 -2.46 19.20 -24.28
CA GLU A 145 -3.86 19.51 -24.05
C GLU A 145 -4.42 18.70 -22.87
N VAL A 146 -4.31 19.26 -21.67
CA VAL A 146 -4.79 18.59 -20.47
C VAL A 146 -6.31 18.54 -20.39
N GLN A 147 -6.84 17.37 -20.07
CA GLN A 147 -8.28 17.16 -19.96
C GLN A 147 -8.62 16.33 -18.72
N GLN A 148 -9.62 16.75 -17.96
CA GLN A 148 -10.05 15.99 -16.79
C GLN A 148 -11.01 14.89 -17.21
N GLU A 149 -10.66 13.64 -16.93
CA GLU A 149 -11.52 12.54 -17.29
C GLU A 149 -12.32 12.11 -16.06
N PRO A 150 -13.44 11.41 -16.28
CA PRO A 150 -14.31 11.11 -15.14
C PRO A 150 -14.05 9.79 -14.42
N ILE A 151 -13.30 9.78 -13.32
CA ILE A 151 -13.15 8.52 -12.58
C ILE A 151 -13.58 8.68 -11.13
N GLY A 152 -14.73 9.30 -10.92
CA GLY A 152 -15.23 9.51 -9.56
C GLY A 152 -14.11 10.02 -8.68
N GLY A 153 -14.08 9.48 -7.46
CA GLY A 153 -13.12 9.84 -6.44
C GLY A 153 -11.76 9.23 -6.77
N ASP A 154 -10.69 10.02 -6.91
CA ASP A 154 -10.75 11.46 -7.11
C ASP A 154 -10.30 11.84 -8.52
N VAL A 155 -10.45 13.13 -8.81
CA VAL A 155 -10.11 13.76 -10.08
C VAL A 155 -8.71 13.47 -10.64
N LEU A 156 -8.64 12.64 -11.69
CA LEU A 156 -7.37 12.38 -12.38
C LEU A 156 -7.42 13.06 -13.74
N PHE A 157 -6.37 12.93 -14.54
CA PHE A 157 -6.26 13.68 -15.79
C PHE A 157 -5.79 12.86 -16.99
N ARG A 158 -6.15 13.35 -18.17
CA ARG A 158 -5.73 12.76 -19.44
C ARG A 158 -4.99 13.78 -20.31
N VAL A 159 -3.66 13.79 -20.23
CA VAL A 159 -2.85 14.72 -21.01
C VAL A 159 -2.49 14.14 -22.37
N THR A 160 -2.58 14.98 -23.41
CA THR A 160 -2.29 14.54 -24.78
C THR A 160 -1.35 15.53 -25.48
N GLU A 161 -0.26 15.01 -26.02
CA GLU A 161 0.72 15.82 -26.75
C GLU A 161 0.72 15.45 -28.23
N ARG A 162 0.79 16.44 -29.11
CA ARG A 162 0.82 16.21 -30.55
C ARG A 162 2.10 16.74 -31.16
N TRP A 163 2.67 15.99 -32.10
CA TRP A 163 3.89 16.42 -32.78
C TRP A 163 3.66 16.66 -34.26
N ARG A 164 4.46 17.58 -34.81
CA ARG A 164 4.50 17.82 -36.23
C ARG A 164 5.61 16.95 -36.78
N LEU A 165 5.26 15.91 -37.53
CA LEU A 165 6.26 14.95 -37.99
C LEU A 165 7.17 15.54 -39.05
N PRO A 166 8.44 15.14 -39.02
CA PRO A 166 9.35 15.52 -40.09
C PRO A 166 9.35 14.45 -41.16
N PRO A 167 9.95 14.74 -42.32
CA PRO A 167 10.08 13.66 -43.30
C PRO A 167 10.88 12.52 -42.69
N LEU A 168 10.26 11.36 -42.51
CA LEU A 168 10.93 10.25 -41.86
C LEU A 168 12.18 9.90 -42.65
N GLY A 169 12.02 9.73 -43.95
CA GLY A 169 13.18 9.55 -44.81
C GLY A 169 13.64 8.12 -44.91
N THR A 170 14.77 7.92 -45.58
CA THR A 170 15.32 6.59 -45.79
C THR A 170 16.65 6.45 -45.05
N PRO A 171 16.86 5.30 -44.39
CA PRO A 171 15.91 4.19 -44.28
C PRO A 171 14.76 4.51 -43.33
N VAL A 172 13.60 3.89 -43.59
CA VAL A 172 12.41 4.09 -42.77
C VAL A 172 12.58 3.40 -41.42
N PRO A 173 12.44 4.17 -40.32
CA PRO A 173 12.56 3.63 -38.96
C PRO A 173 11.56 2.51 -38.72
N PRO A 174 11.97 1.47 -37.97
CA PRO A 174 11.06 0.37 -37.67
C PRO A 174 9.80 0.86 -36.97
N ALA A 175 9.98 1.79 -36.03
CA ALA A 175 8.85 2.37 -35.31
C ALA A 175 9.28 3.64 -34.61
N LEU A 176 8.32 4.51 -34.30
CA LEU A 176 8.59 5.61 -33.42
C LEU A 176 8.01 5.27 -32.05
N TYR A 177 8.58 5.83 -31.01
CA TYR A 177 8.12 5.60 -29.65
C TYR A 177 7.76 6.89 -28.95
N CYS A 178 6.54 6.94 -28.43
CA CYS A 178 6.12 8.04 -27.59
C CYS A 178 6.53 7.72 -26.16
N GLN A 179 7.27 8.63 -25.56
CA GLN A 179 7.72 8.47 -24.19
C GLN A 179 7.11 9.54 -23.32
N ALA A 180 6.50 9.11 -22.22
CA ALA A 180 5.96 10.02 -21.23
C ALA A 180 6.85 9.96 -20.01
N THR A 181 7.47 11.09 -19.67
CA THR A 181 8.35 11.15 -18.52
C THR A 181 7.72 11.99 -17.42
N MET A 182 7.80 11.48 -16.19
CA MET A 182 7.35 12.20 -15.01
C MET A 182 8.50 12.44 -14.05
N ARG A 183 8.82 13.71 -13.81
CA ARG A 183 9.91 14.09 -12.90
C ARG A 183 9.36 14.36 -11.51
N LEU A 184 9.93 13.65 -10.53
CA LEU A 184 9.53 13.77 -9.14
C LEU A 184 10.77 14.05 -8.33
N PRO A 185 10.61 14.37 -7.04
CA PRO A 185 11.79 14.66 -6.23
C PRO A 185 12.80 13.50 -6.22
N GLY A 186 13.95 13.71 -6.86
CA GLY A 186 15.01 12.72 -6.89
C GLY A 186 14.59 11.42 -7.56
N LEU A 187 13.71 11.51 -8.54
CA LEU A 187 13.21 10.30 -9.20
C LEU A 187 12.60 10.65 -10.56
N GLU A 188 12.94 9.86 -11.57
CA GLU A 188 12.35 10.00 -12.89
C GLU A 188 11.69 8.69 -13.29
N LEU A 189 10.42 8.78 -13.65
CA LEU A 189 9.69 7.63 -14.17
C LEU A 189 9.37 7.87 -15.64
N SER A 190 9.34 6.80 -16.41
CA SER A 190 9.02 6.91 -17.83
C SER A 190 8.20 5.73 -18.33
N HIS A 191 7.41 6.00 -19.37
CA HIS A 191 6.62 4.96 -20.02
C HIS A 191 6.74 5.17 -21.52
N ARG A 192 6.71 4.07 -22.26
CA ARG A 192 6.85 4.14 -23.70
C ARG A 192 5.77 3.32 -24.41
N GLN A 193 5.27 3.86 -25.52
CA GLN A 193 4.30 3.14 -26.34
C GLN A 193 4.77 3.15 -27.79
N ALA A 194 4.73 2.00 -28.44
CA ALA A 194 5.27 1.86 -29.79
C ALA A 194 4.31 2.39 -30.86
N ILE A 195 4.89 3.10 -31.82
CA ILE A 195 4.16 3.58 -32.98
C ILE A 195 4.83 3.03 -34.24
N PRO A 196 4.42 1.83 -34.67
CA PRO A 196 5.04 1.17 -35.83
C PRO A 196 4.93 2.00 -37.11
N VAL A 197 6.01 2.06 -37.89
CA VAL A 197 5.98 2.77 -39.17
C VAL A 197 5.96 1.81 -40.36
N LEU A 198 4.81 1.78 -41.01
CA LEU A 198 4.57 0.91 -42.17
C LEU A 198 5.34 1.41 -43.41
N GLY A 199 6.08 0.54 -44.07
CA GLY A 199 6.88 0.96 -45.21
C GLY A 199 7.34 -0.14 -46.16
N GLY A 200 7.58 0.25 -47.41
CA GLY A 200 8.11 -0.65 -48.42
C GLY A 200 7.11 -1.58 -49.10
N GLU A 201 7.41 -2.87 -49.07
CA GLU A 201 6.48 -3.90 -49.55
C GLU A 201 5.37 -4.03 -48.54
N ASN A 202 4.51 -3.01 -48.52
CA ASN A 202 3.40 -2.98 -47.59
C ASN A 202 2.36 -3.99 -48.07
N LEU A 203 1.58 -3.66 -49.09
CA LEU A 203 0.73 -4.68 -49.67
C LEU A 203 1.45 -5.07 -50.96
N TYR A 204 1.72 -6.36 -51.12
CA TYR A 204 2.33 -6.89 -52.36
C TYR A 204 1.61 -8.12 -52.87
N PHE A 205 1.86 -8.46 -54.13
CA PHE A 205 1.18 -9.54 -54.83
C PHE A 205 2.01 -10.82 -54.96
N GLN A 206 1.28 -11.91 -55.18
N GLN A 206 1.26 -11.92 -55.13
CA GLN A 206 1.84 -13.25 -55.40
CA GLN A 206 1.80 -13.25 -55.39
C GLN A 206 3.29 -13.45 -54.95
C GLN A 206 3.25 -13.47 -54.97
N ASP B 1 -22.79 23.60 13.03
CA ASP B 1 -23.56 22.75 13.98
C ASP B 1 -24.05 21.43 13.40
N VAL B 2 -23.34 20.35 13.72
CA VAL B 2 -23.64 19.07 13.11
C VAL B 2 -24.58 18.39 14.09
N GLN B 3 -25.62 17.74 13.59
CA GLN B 3 -26.50 16.96 14.45
C GLN B 3 -26.66 15.53 13.96
N LEU B 4 -26.66 14.60 14.91
CA LEU B 4 -26.93 13.20 14.61
C LEU B 4 -28.10 12.76 15.47
N GLN B 5 -29.06 12.05 14.88
CA GLN B 5 -30.14 11.46 15.67
C GLN B 5 -30.48 10.06 15.15
N GLU B 6 -30.35 9.09 16.05
CA GLU B 6 -30.70 7.71 15.73
C GLU B 6 -32.20 7.56 15.70
N SER B 7 -32.66 6.46 15.10
CA SER B 7 -34.08 6.13 15.07
C SER B 7 -34.24 4.67 14.66
N GLY B 8 -35.34 4.06 15.08
CA GLY B 8 -35.63 2.68 14.72
C GLY B 8 -36.44 1.97 15.77
N PRO B 9 -36.94 0.78 15.45
CA PRO B 9 -37.74 -0.01 16.40
C PRO B 9 -37.03 -0.18 17.73
N GLY B 10 -37.78 -0.01 18.82
CA GLY B 10 -37.22 -0.18 20.15
C GLY B 10 -37.26 -1.62 20.61
N LEU B 11 -38.15 -2.41 20.01
CA LEU B 11 -38.30 -3.81 20.36
C LEU B 11 -37.99 -4.70 19.15
N VAL B 12 -37.25 -5.78 19.39
CA VAL B 12 -36.88 -6.71 18.33
C VAL B 12 -36.86 -8.13 18.86
N LYS B 13 -37.47 -9.06 18.14
CA LYS B 13 -37.53 -10.46 18.57
C LYS B 13 -36.22 -11.17 18.28
N PRO B 14 -35.90 -12.20 19.09
CA PRO B 14 -34.68 -12.96 18.87
C PRO B 14 -34.65 -13.57 17.46
N SER B 15 -33.44 -13.73 16.92
CA SER B 15 -33.25 -14.29 15.58
C SER B 15 -33.51 -13.28 14.46
N GLN B 16 -34.38 -12.31 14.71
CA GLN B 16 -34.69 -11.29 13.71
C GLN B 16 -33.55 -10.28 13.57
N SER B 17 -33.72 -9.35 12.64
CA SER B 17 -32.68 -8.34 12.39
C SER B 17 -33.02 -7.02 13.06
N LEU B 18 -31.99 -6.35 13.56
CA LEU B 18 -32.13 -5.05 14.20
C LEU B 18 -31.63 -3.99 13.22
N SER B 19 -32.48 -3.03 12.89
CA SER B 19 -32.09 -1.97 11.97
C SER B 19 -32.30 -0.60 12.58
N LEU B 20 -31.25 0.24 12.52
CA LEU B 20 -31.35 1.61 13.01
C LEU B 20 -30.87 2.59 11.94
N THR B 21 -31.36 3.82 12.02
CA THR B 21 -31.02 4.87 11.07
C THR B 21 -30.43 6.07 11.80
N CYS B 22 -29.35 6.62 11.25
CA CYS B 22 -28.80 7.87 11.77
C CYS B 22 -29.02 8.97 10.75
N SER B 23 -29.88 9.93 11.10
CA SER B 23 -30.12 11.07 10.24
C SER B 23 -29.15 12.20 10.58
N VAL B 24 -28.20 12.43 9.68
CA VAL B 24 -27.18 13.45 9.89
C VAL B 24 -27.56 14.74 9.18
N THR B 25 -27.51 15.85 9.90
CA THR B 25 -27.85 17.15 9.35
C THR B 25 -26.79 18.18 9.71
N GLY B 26 -26.42 19.02 8.75
CA GLY B 26 -25.45 20.07 8.98
C GLY B 26 -24.10 19.79 8.37
N TYR B 27 -23.89 18.57 7.91
CA TYR B 27 -22.63 18.18 7.28
C TYR B 27 -22.89 16.98 6.38
N SER B 28 -22.15 16.88 5.28
CA SER B 28 -22.37 15.84 4.29
C SER B 28 -21.49 14.62 4.59
N ILE B 29 -22.12 13.46 4.75
CA ILE B 29 -21.39 12.25 5.12
C ILE B 29 -20.45 11.76 4.01
N THR B 30 -20.27 12.55 2.96
CA THR B 30 -19.34 12.23 1.90
C THR B 30 -18.20 13.26 1.86
N SER B 31 -18.40 14.37 2.55
CA SER B 31 -17.41 15.44 2.56
C SER B 31 -16.17 15.01 3.34
N GLY B 32 -16.38 14.28 4.43
CA GLY B 32 -15.29 13.83 5.27
C GLY B 32 -15.76 13.06 6.49
N TYR B 33 -14.82 12.70 7.36
CA TYR B 33 -15.13 12.06 8.64
C TYR B 33 -15.56 10.60 8.54
N TYR B 34 -15.40 9.88 9.65
CA TYR B 34 -15.83 8.50 9.77
C TYR B 34 -17.05 8.40 10.67
N TRP B 35 -18.04 7.62 10.21
CA TRP B 35 -19.34 7.57 10.87
C TRP B 35 -19.56 6.24 11.58
N ASN B 36 -19.54 6.28 12.91
CA ASN B 36 -19.46 5.08 13.73
C ASN B 36 -20.78 4.68 14.37
N TRP B 37 -20.84 3.42 14.82
CA TRP B 37 -21.94 2.94 15.63
C TRP B 37 -21.41 2.33 16.92
N ILE B 38 -21.85 2.86 18.05
CA ILE B 38 -21.43 2.38 19.35
C ILE B 38 -22.64 1.90 20.12
N ARG B 39 -22.49 0.88 20.94
CA ARG B 39 -23.59 0.43 21.79
C ARG B 39 -23.14 0.37 23.25
N GLN B 40 -24.08 0.59 24.16
CA GLN B 40 -23.80 0.57 25.60
C GLN B 40 -24.74 -0.39 26.33
N PHE B 41 -24.19 -1.50 26.81
CA PHE B 41 -24.98 -2.53 27.47
C PHE B 41 -25.45 -2.05 28.84
N PRO B 42 -26.54 -2.63 29.34
CA PRO B 42 -26.95 -2.36 30.73
C PRO B 42 -25.82 -2.69 31.68
N GLY B 43 -25.42 -1.72 32.49
CA GLY B 43 -24.24 -1.85 33.32
C GLY B 43 -23.16 -0.92 32.79
N ASN B 44 -23.46 -0.29 31.65
CA ASN B 44 -22.66 0.81 31.13
C ASN B 44 -21.36 0.41 30.45
N LYS B 45 -21.27 -0.84 29.98
CA LYS B 45 -20.12 -1.25 29.19
C LYS B 45 -20.29 -0.78 27.76
N LEU B 46 -19.25 -0.19 27.20
CA LEU B 46 -19.30 0.31 25.82
C LEU B 46 -18.60 -0.64 24.86
N GLU B 47 -19.02 -0.60 23.59
CA GLU B 47 -18.38 -1.39 22.55
C GLU B 47 -18.58 -0.72 21.18
N TRP B 48 -17.47 -0.57 20.46
CA TRP B 48 -17.50 -0.05 19.10
C TRP B 48 -17.90 -1.17 18.14
N MET B 49 -18.93 -0.92 17.33
CA MET B 49 -19.44 -1.94 16.43
C MET B 49 -18.75 -1.83 15.07
N GLY B 50 -18.59 -0.60 14.59
CA GLY B 50 -17.94 -0.36 13.32
C GLY B 50 -18.24 1.03 12.79
N TYR B 51 -17.72 1.34 11.61
CA TYR B 51 -18.05 2.59 10.95
C TYR B 51 -18.11 2.44 9.45
N ILE B 52 -18.66 3.46 8.80
CA ILE B 52 -18.56 3.62 7.37
C ILE B 52 -17.90 4.97 7.13
N SER B 53 -16.88 5.01 6.28
CA SER B 53 -16.13 6.23 6.06
C SER B 53 -16.78 7.13 5.02
N TYR B 54 -16.20 8.32 4.84
CA TYR B 54 -16.71 9.27 3.86
C TYR B 54 -16.68 8.70 2.44
N ASP B 55 -15.65 7.91 2.15
CA ASP B 55 -15.48 7.35 0.80
C ASP B 55 -16.35 6.10 0.57
N GLY B 56 -17.01 5.62 1.62
CA GLY B 56 -17.92 4.50 1.50
C GLY B 56 -17.33 3.18 1.98
N SER B 57 -16.09 3.22 2.46
CA SER B 57 -15.43 2.02 2.92
C SER B 57 -15.88 1.66 4.34
N ASN B 58 -15.86 0.36 4.65
CA ASN B 58 -16.34 -0.14 5.93
C ASN B 58 -15.21 -0.66 6.79
N ASN B 59 -15.53 -0.93 8.06
CA ASN B 59 -14.59 -1.55 8.98
C ASN B 59 -15.33 -1.94 10.25
N TYR B 60 -15.35 -3.24 10.55
CA TYR B 60 -16.21 -3.78 11.61
C TYR B 60 -15.41 -4.42 12.74
N ASN B 61 -16.10 -4.69 13.85
CA ASN B 61 -15.49 -5.35 15.00
C ASN B 61 -15.56 -6.87 14.80
N PRO B 62 -14.39 -7.54 14.88
CA PRO B 62 -14.31 -8.99 14.67
C PRO B 62 -15.31 -9.79 15.51
N SER B 63 -15.61 -9.32 16.72
CA SER B 63 -16.54 -10.01 17.59
C SER B 63 -17.96 -10.04 17.01
N LEU B 64 -18.27 -9.08 16.13
CA LEU B 64 -19.57 -9.02 15.48
C LEU B 64 -19.47 -9.23 13.96
N LYS B 65 -18.28 -9.58 13.48
CA LYS B 65 -17.94 -9.42 12.07
C LYS B 65 -18.97 -10.01 11.09
N ASN B 66 -19.43 -11.22 11.34
CA ASN B 66 -20.39 -11.85 10.43
C ASN B 66 -21.74 -11.12 10.37
N ARG B 67 -22.24 -10.66 11.52
CA ARG B 67 -23.61 -10.16 11.60
C ARG B 67 -23.80 -8.67 11.28
N VAL B 68 -22.75 -7.87 11.37
CA VAL B 68 -22.89 -6.42 11.21
C VAL B 68 -22.75 -5.92 9.77
N SER B 69 -23.52 -4.87 9.45
CA SER B 69 -23.46 -4.26 8.14
C SER B 69 -23.86 -2.80 8.23
N ILE B 70 -22.90 -1.91 7.97
CA ILE B 70 -23.14 -0.47 8.05
C ILE B 70 -23.17 0.15 6.66
N THR B 71 -24.37 0.38 6.14
CA THR B 71 -24.55 0.92 4.80
C THR B 71 -24.96 2.39 4.91
N ARG B 72 -25.07 3.08 3.78
CA ARG B 72 -25.44 4.49 3.81
C ARG B 72 -26.34 4.90 2.65
N ASP B 73 -26.85 6.12 2.74
CA ASP B 73 -27.71 6.71 1.73
C ASP B 73 -27.33 8.17 1.55
N THR B 74 -26.48 8.45 0.58
CA THR B 74 -25.91 9.78 0.42
C THR B 74 -26.97 10.80 0.02
N SER B 75 -28.04 10.34 -0.60
CA SER B 75 -29.11 11.20 -1.06
C SER B 75 -29.81 11.91 0.12
N LYS B 76 -30.20 11.13 1.12
CA LYS B 76 -30.89 11.69 2.29
C LYS B 76 -29.91 12.08 3.39
N ASN B 77 -28.64 11.80 3.18
CA ASN B 77 -27.61 12.05 4.19
C ASN B 77 -27.86 11.22 5.44
N HIS B 78 -28.22 9.95 5.24
CA HIS B 78 -28.43 9.02 6.34
C HIS B 78 -27.38 7.93 6.26
N PHE B 79 -27.10 7.28 7.37
CA PHE B 79 -26.36 6.03 7.34
C PHE B 79 -26.98 5.07 8.35
N PHE B 80 -26.87 3.78 8.08
CA PHE B 80 -27.67 2.78 8.77
C PHE B 80 -26.83 1.71 9.45
N LEU B 81 -27.45 1.02 10.38
CA LEU B 81 -26.82 -0.10 11.07
C LEU B 81 -27.77 -1.27 11.02
N LYS B 82 -27.28 -2.41 10.56
CA LYS B 82 -28.06 -3.64 10.59
C LYS B 82 -27.29 -4.72 11.34
N LEU B 83 -27.99 -5.41 12.23
CA LEU B 83 -27.42 -6.48 13.01
C LEU B 83 -28.32 -7.71 12.88
N SER B 84 -27.71 -8.86 12.59
CA SER B 84 -28.47 -10.07 12.30
C SER B 84 -28.39 -11.11 13.41
N SER B 85 -29.28 -12.09 13.36
CA SER B 85 -29.26 -13.21 14.30
C SER B 85 -29.17 -12.71 15.73
N VAL B 86 -29.99 -11.72 16.05
CA VAL B 86 -29.95 -11.04 17.35
C VAL B 86 -30.40 -11.93 18.49
N THR B 87 -29.60 -11.96 19.55
CA THR B 87 -29.98 -12.65 20.79
C THR B 87 -30.32 -11.61 21.84
N THR B 88 -30.69 -12.04 23.04
CA THR B 88 -31.05 -11.09 24.10
C THR B 88 -29.86 -10.26 24.57
N GLU B 89 -28.65 -10.76 24.35
CA GLU B 89 -27.45 -10.09 24.82
C GLU B 89 -27.07 -8.91 23.93
N ASP B 90 -27.95 -8.55 22.99
CA ASP B 90 -27.73 -7.41 22.12
C ASP B 90 -28.57 -6.23 22.60
N THR B 91 -29.37 -6.48 23.64
CA THR B 91 -30.13 -5.41 24.27
C THR B 91 -29.14 -4.38 24.74
N ALA B 92 -29.31 -3.14 24.27
CA ALA B 92 -28.38 -2.07 24.61
C ALA B 92 -28.86 -0.75 24.02
N THR B 93 -28.19 0.33 24.40
CA THR B 93 -28.46 1.63 23.81
C THR B 93 -27.47 1.87 22.68
N TYR B 94 -27.99 2.15 21.50
CA TYR B 94 -27.14 2.30 20.32
C TYR B 94 -26.96 3.78 19.99
N TYR B 95 -25.69 4.18 19.88
CA TYR B 95 -25.33 5.55 19.55
C TYR B 95 -24.62 5.59 18.21
N CYS B 96 -24.75 6.70 17.49
CA CYS B 96 -23.95 6.93 16.29
C CYS B 96 -23.05 8.14 16.54
N ALA B 97 -21.82 8.11 16.03
CA ALA B 97 -20.88 9.18 16.30
C ALA B 97 -19.92 9.45 15.14
N ARG B 98 -19.66 10.73 14.88
CA ARG B 98 -18.71 11.14 13.86
C ARG B 98 -17.35 11.47 14.44
N ALA B 99 -16.32 10.78 13.95
CA ALA B 99 -14.97 10.93 14.47
C ALA B 99 -13.91 11.09 13.37
N SER B 100 -12.78 11.70 13.73
CA SER B 100 -11.66 11.89 12.82
C SER B 100 -10.48 12.46 13.58
N ASP B 101 -9.33 12.60 12.91
CA ASP B 101 -8.12 13.08 13.55
C ASP B 101 -8.09 14.60 13.75
N SER B 102 -9.21 15.26 13.48
CA SER B 102 -9.30 16.70 13.77
C SER B 102 -10.24 16.97 14.95
N ASP B 103 -11.28 16.15 15.09
CA ASP B 103 -12.27 16.32 16.15
C ASP B 103 -12.11 15.25 17.20
N GLY B 104 -12.07 14.00 16.75
CA GLY B 104 -11.92 12.86 17.64
C GLY B 104 -13.18 12.54 18.41
N PHE B 105 -14.15 11.94 17.73
CA PHE B 105 -15.41 11.54 18.36
C PHE B 105 -16.10 12.71 19.06
N ALA B 106 -16.33 13.79 18.31
CA ALA B 106 -16.86 15.02 18.88
C ALA B 106 -18.39 15.07 18.92
N TYR B 107 -19.04 14.44 17.94
CA TYR B 107 -20.49 14.55 17.81
C TYR B 107 -21.19 13.21 17.91
N TRP B 108 -22.21 13.14 18.76
CA TRP B 108 -22.94 11.90 19.01
C TRP B 108 -24.43 12.12 18.86
N GLY B 109 -25.18 11.03 18.72
CA GLY B 109 -26.62 11.08 18.71
C GLY B 109 -27.17 10.98 20.11
N GLN B 110 -28.47 11.16 20.28
CA GLN B 110 -29.09 11.11 21.60
C GLN B 110 -29.03 9.70 22.17
N GLY B 111 -28.94 8.71 21.29
CA GLY B 111 -28.92 7.32 21.71
C GLY B 111 -30.31 6.72 21.72
N THR B 112 -30.46 5.53 21.17
CA THR B 112 -31.74 4.84 21.14
C THR B 112 -31.63 3.47 21.79
N LEU B 113 -32.57 3.16 22.67
CA LEU B 113 -32.56 1.89 23.39
C LEU B 113 -33.27 0.81 22.58
N VAL B 114 -32.57 -0.29 22.33
CA VAL B 114 -33.18 -1.44 21.67
C VAL B 114 -33.19 -2.67 22.59
N THR B 115 -34.39 -3.19 22.84
CA THR B 115 -34.55 -4.37 23.67
C THR B 115 -34.83 -5.60 22.81
N VAL B 116 -34.11 -6.68 23.07
CA VAL B 116 -34.36 -7.94 22.38
C VAL B 116 -35.07 -8.90 23.31
N SER B 117 -36.29 -9.26 22.96
CA SER B 117 -37.13 -10.10 23.80
C SER B 117 -38.31 -10.65 23.01
N ALA B 118 -38.77 -11.84 23.38
CA ALA B 118 -39.95 -12.42 22.75
C ALA B 118 -41.21 -12.03 23.49
N ALA B 119 -41.13 -10.99 24.31
CA ALA B 119 -42.26 -10.59 25.15
C ALA B 119 -43.15 -9.59 24.43
N LYS B 120 -44.42 -9.56 24.81
CA LYS B 120 -45.40 -8.70 24.16
C LYS B 120 -45.26 -7.25 24.64
N THR B 121 -45.59 -6.32 23.75
CA THR B 121 -45.59 -4.89 24.08
C THR B 121 -46.81 -4.57 24.92
N THR B 122 -46.60 -4.03 26.12
CA THR B 122 -47.69 -3.69 27.01
C THR B 122 -47.66 -2.21 27.36
N ALA B 123 -48.82 -1.56 27.23
CA ALA B 123 -48.92 -0.14 27.55
C ALA B 123 -48.92 0.07 29.06
N PRO B 124 -48.47 1.25 29.51
CA PRO B 124 -48.41 1.53 30.94
C PRO B 124 -49.78 1.83 31.53
N SER B 125 -49.98 1.46 32.78
CA SER B 125 -51.10 1.97 33.55
C SER B 125 -50.56 3.18 34.30
N VAL B 126 -51.25 4.30 34.15
CA VAL B 126 -50.84 5.54 34.81
C VAL B 126 -51.80 5.91 35.93
N TYR B 127 -51.27 6.06 37.14
CA TYR B 127 -52.11 6.42 38.28
C TYR B 127 -51.68 7.77 38.84
N PRO B 128 -52.63 8.69 39.00
CA PRO B 128 -52.33 9.99 39.59
C PRO B 128 -52.24 9.90 41.10
N LEU B 129 -51.13 10.37 41.68
CA LEU B 129 -50.97 10.33 43.11
C LEU B 129 -51.25 11.71 43.70
N ALA B 130 -52.35 11.86 44.41
CA ALA B 130 -52.68 13.15 45.02
C ALA B 130 -52.33 13.12 46.51
N PRO B 131 -52.00 14.28 47.08
CA PRO B 131 -51.61 14.37 48.49
C PRO B 131 -52.61 13.72 49.44
N VAL B 132 -52.14 13.41 50.64
CA VAL B 132 -52.95 12.75 51.65
C VAL B 132 -54.09 13.63 52.17
N CYS B 133 -55.24 13.04 52.49
CA CYS B 133 -56.35 13.82 53.02
C CYS B 133 -55.81 14.55 54.24
N GLY B 134 -56.28 15.76 54.51
CA GLY B 134 -55.84 16.47 55.69
C GLY B 134 -54.33 16.67 55.70
N GLY B 135 -53.69 16.25 56.80
CA GLY B 135 -52.27 16.49 56.98
C GLY B 135 -52.02 17.92 57.42
N THR B 136 -50.92 18.50 56.94
CA THR B 136 -50.55 19.87 57.31
C THR B 136 -50.26 20.69 56.07
N THR B 137 -50.54 21.99 56.13
CA THR B 137 -50.25 22.87 55.00
C THR B 137 -48.72 22.98 54.90
N GLY B 138 -48.30 23.45 53.73
CA GLY B 138 -46.95 23.73 53.32
C GLY B 138 -46.82 24.91 52.36
N SER B 139 -45.64 25.52 52.33
CA SER B 139 -45.36 26.54 51.33
C SER B 139 -45.35 25.79 49.99
N SER B 140 -44.92 24.54 50.01
CA SER B 140 -44.87 23.71 48.79
C SER B 140 -45.68 22.43 48.97
N VAL B 141 -46.24 21.93 47.87
CA VAL B 141 -47.01 20.69 47.87
C VAL B 141 -46.43 19.73 46.83
N THR B 142 -46.34 18.46 47.18
CA THR B 142 -45.79 17.44 46.30
C THR B 142 -46.87 16.52 45.72
N LEU B 143 -46.90 16.44 44.40
CA LEU B 143 -47.80 15.54 43.68
C LEU B 143 -46.98 14.38 43.11
N GLY B 144 -47.63 13.24 42.87
CA GLY B 144 -46.93 12.08 42.35
C GLY B 144 -47.60 11.44 41.15
N CYS B 145 -46.89 10.52 40.51
CA CYS B 145 -47.42 9.80 39.36
C CYS B 145 -46.86 8.38 39.30
N LEU B 146 -47.74 7.40 39.37
CA LEU B 146 -47.31 6.00 39.36
C LEU B 146 -47.58 5.39 37.98
N VAL B 147 -46.50 4.99 37.31
CA VAL B 147 -46.59 4.41 35.97
C VAL B 147 -46.22 2.95 36.05
N LYS B 148 -47.21 2.07 36.04
CA LYS B 148 -46.99 0.67 36.37
C LYS B 148 -47.31 -0.30 35.23
N GLY B 149 -46.47 -1.31 35.10
CA GLY B 149 -46.76 -2.47 34.27
C GLY B 149 -46.67 -2.24 32.77
N TYR B 150 -45.53 -1.75 32.29
CA TYR B 150 -45.35 -1.57 30.85
C TYR B 150 -44.13 -2.33 30.34
N PHE B 151 -44.11 -2.54 29.03
CA PHE B 151 -42.98 -3.17 28.36
C PHE B 151 -43.06 -2.88 26.88
N PRO B 152 -41.90 -2.64 26.24
CA PRO B 152 -40.58 -2.51 26.86
C PRO B 152 -40.29 -1.07 27.24
N GLU B 153 -39.04 -0.80 27.60
CA GLU B 153 -38.60 0.58 27.83
C GLU B 153 -38.38 1.23 26.48
N PRO B 154 -38.39 2.57 26.45
CA PRO B 154 -38.56 3.43 27.62
C PRO B 154 -39.93 4.08 27.64
N VAL B 155 -40.21 4.82 28.71
CA VAL B 155 -41.38 5.66 28.76
C VAL B 155 -40.91 7.09 28.94
N THR B 156 -41.73 8.05 28.54
CA THR B 156 -41.38 9.46 28.66
C THR B 156 -42.41 10.18 29.51
N LEU B 157 -41.97 10.69 30.66
CA LEU B 157 -42.88 11.33 31.59
C LEU B 157 -42.54 12.81 31.78
N THR B 158 -43.53 13.67 31.52
CA THR B 158 -43.38 15.10 31.75
C THR B 158 -44.60 15.60 32.49
N TRP B 159 -44.48 16.77 33.12
CA TRP B 159 -45.60 17.38 33.80
C TRP B 159 -46.08 18.61 33.03
N ASN B 160 -47.39 18.72 32.82
CA ASN B 160 -47.95 19.81 32.03
C ASN B 160 -47.24 19.96 30.69
N SER B 161 -46.97 18.82 30.06
CA SER B 161 -46.40 18.80 28.71
C SER B 161 -45.01 19.42 28.64
N GLY B 162 -44.33 19.46 29.79
CA GLY B 162 -42.97 19.97 29.85
C GLY B 162 -42.88 21.38 30.40
N SER B 163 -44.03 22.03 30.58
CA SER B 163 -44.08 23.40 31.08
C SER B 163 -43.56 23.48 32.50
N LEU B 164 -43.55 22.33 33.18
CA LEU B 164 -43.20 22.27 34.58
C LEU B 164 -41.96 21.40 34.75
N SER B 165 -40.79 22.02 34.58
CA SER B 165 -39.52 21.29 34.62
C SER B 165 -38.82 21.48 35.96
N SER B 166 -39.33 22.40 36.78
CA SER B 166 -38.67 22.72 38.03
C SER B 166 -39.35 21.98 39.18
N GLY B 167 -38.55 21.35 40.03
CA GLY B 167 -39.08 20.65 41.18
C GLY B 167 -39.61 19.26 40.84
N VAL B 168 -39.15 18.72 39.71
CA VAL B 168 -39.63 17.42 39.26
C VAL B 168 -38.54 16.36 39.43
N HIS B 169 -38.91 15.21 39.96
CA HIS B 169 -37.97 14.11 40.15
C HIS B 169 -38.57 12.84 39.54
N THR B 170 -37.98 12.38 38.44
CA THR B 170 -38.44 11.14 37.83
C THR B 170 -37.44 10.04 38.11
N PHE B 171 -37.94 8.92 38.63
CA PHE B 171 -37.08 7.84 39.07
C PHE B 171 -36.91 6.76 37.99
N PRO B 172 -35.73 6.12 37.98
CA PRO B 172 -35.40 5.01 37.07
C PRO B 172 -36.41 3.88 37.16
N ALA B 173 -36.75 3.28 36.01
CA ALA B 173 -37.68 2.17 35.99
C ALA B 173 -37.07 0.95 36.67
N ILE B 174 -37.95 0.07 37.12
CA ILE B 174 -37.56 -1.17 37.78
C ILE B 174 -38.43 -2.32 37.31
N LEU B 175 -37.83 -3.50 37.20
CA LEU B 175 -38.53 -4.67 36.68
C LEU B 175 -39.21 -5.52 37.75
N GLN B 176 -40.52 -5.62 37.74
CA GLN B 176 -41.12 -6.72 38.49
C GLN B 176 -41.97 -7.59 37.55
N SER B 177 -41.63 -8.86 37.51
CA SER B 177 -42.28 -9.88 36.69
C SER B 177 -42.38 -9.57 35.19
N GLY B 178 -41.30 -9.04 34.60
CA GLY B 178 -41.29 -8.82 33.17
C GLY B 178 -42.01 -7.55 32.74
N LEU B 179 -42.39 -6.74 33.71
CA LEU B 179 -43.04 -5.46 33.45
C LEU B 179 -42.38 -4.36 34.26
N TYR B 180 -42.23 -3.20 33.63
CA TYR B 180 -41.54 -2.08 34.26
C TYR B 180 -42.47 -1.21 35.08
N THR B 181 -41.94 -0.64 36.15
CA THR B 181 -42.68 0.33 36.96
C THR B 181 -41.80 1.53 37.20
N LEU B 182 -42.44 2.69 37.18
CA LEU B 182 -41.75 3.96 37.26
C LEU B 182 -42.62 4.95 38.02
N SER B 183 -41.99 5.82 38.79
CA SER B 183 -42.72 6.84 39.53
C SER B 183 -42.08 8.19 39.27
N SER B 184 -42.84 9.25 39.53
CA SER B 184 -42.32 10.59 39.35
C SER B 184 -43.08 11.55 40.25
N SER B 185 -42.34 12.45 40.90
CA SER B 185 -42.95 13.43 41.79
C SER B 185 -42.65 14.83 41.30
N VAL B 186 -43.52 15.77 41.66
CA VAL B 186 -43.30 17.17 41.31
C VAL B 186 -43.76 18.07 42.48
N THR B 187 -42.96 19.08 42.80
CA THR B 187 -43.25 19.98 43.91
C THR B 187 -43.55 21.39 43.40
N VAL B 188 -44.71 21.92 43.79
CA VAL B 188 -45.12 23.28 43.43
C VAL B 188 -45.60 24.06 44.66
N THR B 189 -45.86 25.35 44.48
CA THR B 189 -46.38 26.16 45.57
C THR B 189 -47.83 25.78 45.86
N SER B 190 -48.20 25.74 47.15
CA SER B 190 -49.51 25.23 47.56
C SER B 190 -50.68 26.04 46.98
N ASN B 191 -50.44 27.30 46.65
N ASN B 191 -50.37 27.30 46.66
CA ASN B 191 -51.48 28.15 46.09
CA ASN B 191 -51.31 28.24 46.09
C ASN B 191 -51.74 27.81 44.63
C ASN B 191 -51.66 27.91 44.64
N THR B 192 -50.85 27.01 44.06
CA THR B 192 -50.93 26.67 42.65
C THR B 192 -51.89 25.53 42.36
N TRP B 193 -52.00 24.59 43.30
CA TRP B 193 -52.82 23.41 43.12
C TRP B 193 -53.72 23.20 44.32
N PRO B 194 -54.98 22.80 44.09
CA PRO B 194 -55.57 22.53 42.77
C PRO B 194 -56.14 23.76 42.08
N SER B 195 -55.68 24.95 42.45
CA SER B 195 -56.14 26.17 41.83
C SER B 195 -55.93 26.07 40.32
N GLN B 196 -54.74 25.62 39.94
CA GLN B 196 -54.42 25.38 38.54
C GLN B 196 -54.36 23.87 38.34
N THR B 197 -54.43 23.42 37.09
CA THR B 197 -54.44 21.99 36.81
C THR B 197 -53.04 21.45 36.57
N ILE B 198 -52.69 20.38 37.27
CA ILE B 198 -51.41 19.72 37.08
C ILE B 198 -51.67 18.37 36.42
N THR B 199 -51.09 18.17 35.24
CA THR B 199 -51.29 16.94 34.49
C THR B 199 -50.01 16.13 34.36
N CYS B 200 -50.12 14.84 34.66
CA CYS B 200 -49.03 13.91 34.40
C CYS B 200 -49.17 13.36 32.98
N ASN B 201 -48.14 13.59 32.16
CA ASN B 201 -48.15 13.15 30.77
C ASN B 201 -47.20 11.97 30.55
N VAL B 202 -47.77 10.81 30.27
CA VAL B 202 -46.95 9.62 30.01
C VAL B 202 -47.04 9.21 28.54
N ALA B 203 -45.88 8.97 27.94
CA ALA B 203 -45.82 8.53 26.55
C ALA B 203 -45.02 7.23 26.46
N HIS B 204 -45.63 6.20 25.88
CA HIS B 204 -44.96 4.93 25.67
C HIS B 204 -44.92 4.62 24.17
N PRO B 205 -43.82 4.99 23.49
CA PRO B 205 -43.72 4.84 22.03
C PRO B 205 -43.95 3.41 21.53
N ALA B 206 -43.47 2.42 22.28
CA ALA B 206 -43.56 1.03 21.85
C ALA B 206 -45.01 0.63 21.58
N SER B 207 -45.93 1.14 22.41
CA SER B 207 -47.35 0.84 22.23
C SER B 207 -48.10 2.02 21.60
N SER B 208 -47.36 3.09 21.29
CA SER B 208 -47.94 4.27 20.66
C SER B 208 -49.05 4.87 21.50
N THR B 209 -48.85 4.93 22.80
CA THR B 209 -49.87 5.43 23.72
C THR B 209 -49.42 6.72 24.39
N LYS B 210 -50.38 7.64 24.56
CA LYS B 210 -50.13 8.86 25.32
C LYS B 210 -51.22 8.99 26.38
N VAL B 211 -50.81 8.86 27.65
CA VAL B 211 -51.74 9.03 28.75
C VAL B 211 -51.54 10.41 29.38
N ASP B 212 -52.60 11.20 29.43
CA ASP B 212 -52.53 12.53 30.01
C ASP B 212 -53.45 12.64 31.21
N LYS B 213 -53.00 12.09 32.34
CA LYS B 213 -53.85 11.96 33.51
C LYS B 213 -53.69 13.17 34.43
N LYS B 214 -54.82 13.76 34.82
CA LYS B 214 -54.81 14.97 35.63
C LYS B 214 -54.91 14.64 37.11
N ILE B 215 -54.07 15.29 37.91
CA ILE B 215 -54.04 15.05 39.34
C ILE B 215 -55.17 15.82 40.01
N GLU B 216 -56.03 15.11 40.73
CA GLU B 216 -57.17 15.73 41.39
C GLU B 216 -57.16 15.41 42.87
N PRO B 217 -57.67 16.32 43.70
CA PRO B 217 -57.71 16.09 45.15
C PRO B 217 -58.56 14.88 45.51
N ARG B 218 -58.23 14.23 46.62
CA ARG B 218 -58.91 13.00 47.03
C ARG B 218 -60.28 13.28 47.64
N VAL B 219 -61.15 12.28 47.58
CA VAL B 219 -62.50 12.38 48.13
C VAL B 219 -62.76 11.20 49.07
N PRO B 220 -63.51 11.43 50.16
CA PRO B 220 -63.85 10.33 51.06
C PRO B 220 -65.25 9.77 50.80
N ASP C 1 -7.93 -7.80 21.13
CA ASP C 1 -8.22 -6.35 21.19
C ASP C 1 -7.33 -5.65 22.21
N ILE C 2 -7.21 -4.33 22.10
CA ILE C 2 -6.47 -3.55 23.08
C ILE C 2 -7.38 -3.29 24.27
N LEU C 3 -6.97 -3.76 25.45
CA LEU C 3 -7.74 -3.60 26.67
C LEU C 3 -7.46 -2.27 27.35
N MET C 4 -8.52 -1.49 27.55
CA MET C 4 -8.41 -0.20 28.22
C MET C 4 -8.87 -0.30 29.67
N THR C 5 -7.91 -0.18 30.60
CA THR C 5 -8.21 -0.28 32.02
C THR C 5 -8.05 1.09 32.70
N GLN C 6 -9.16 1.72 33.05
CA GLN C 6 -9.11 3.02 33.72
C GLN C 6 -9.59 2.96 35.16
N SER C 7 -8.99 3.80 36.01
CA SER C 7 -9.28 3.82 37.43
C SER C 7 -9.30 5.27 37.93
N PRO C 8 -10.05 5.53 39.01
CA PRO C 8 -10.87 4.56 39.75
C PRO C 8 -12.24 4.34 39.09
N SER C 9 -12.98 3.35 39.58
CA SER C 9 -14.33 3.08 39.09
C SER C 9 -15.24 4.28 39.35
N SER C 10 -15.05 4.90 40.51
CA SER C 10 -15.80 6.09 40.88
C SER C 10 -15.03 6.86 41.94
N MET C 11 -15.31 8.16 42.07
CA MET C 11 -14.67 8.97 43.09
C MET C 11 -15.52 10.18 43.50
N SER C 12 -15.45 10.53 44.77
CA SER C 12 -16.14 11.69 45.32
C SER C 12 -15.14 12.82 45.48
N VAL C 13 -15.56 14.03 45.13
CA VAL C 13 -14.72 15.21 45.24
C VAL C 13 -15.54 16.46 45.56
N SER C 14 -14.92 17.47 46.16
CA SER C 14 -15.65 18.66 46.57
C SER C 14 -15.70 19.71 45.46
N LEU C 15 -16.71 20.57 45.52
CA LEU C 15 -16.86 21.64 44.53
C LEU C 15 -15.64 22.54 44.51
N GLY C 16 -14.95 22.63 43.38
CA GLY C 16 -13.83 23.54 43.25
C GLY C 16 -12.49 22.85 43.24
N ASP C 17 -12.47 21.59 43.65
CA ASP C 17 -11.24 20.82 43.75
C ASP C 17 -10.71 20.45 42.37
N THR C 18 -9.70 19.59 42.33
CA THR C 18 -9.11 19.10 41.10
C THR C 18 -8.94 17.59 41.17
N VAL C 19 -9.42 16.87 40.15
CA VAL C 19 -9.34 15.42 40.14
C VAL C 19 -8.74 14.87 38.85
N SER C 20 -8.23 13.65 38.94
CA SER C 20 -7.67 12.95 37.80
C SER C 20 -7.97 11.47 37.91
N PHE C 21 -8.21 10.86 36.76
CA PHE C 21 -8.35 9.41 36.69
C PHE C 21 -7.52 8.92 35.51
N THR C 22 -6.84 7.79 35.70
CA THR C 22 -5.92 7.31 34.67
C THR C 22 -6.59 6.31 33.73
N CYS C 23 -5.94 6.06 32.61
CA CYS C 23 -6.38 5.02 31.69
C CYS C 23 -5.13 4.30 31.20
N HIS C 24 -5.09 2.98 31.38
CA HIS C 24 -3.94 2.19 30.98
C HIS C 24 -4.29 1.24 29.83
N ALA C 25 -3.65 1.43 28.69
CA ALA C 25 -3.88 0.59 27.52
C ALA C 25 -3.01 -0.66 27.56
N SER C 26 -3.52 -1.77 27.01
CA SER C 26 -2.78 -3.03 27.02
C SER C 26 -1.48 -2.92 26.23
N GLN C 27 -1.40 -1.94 25.32
CA GLN C 27 -0.15 -1.67 24.61
C GLN C 27 -0.07 -0.18 24.30
N GLY C 28 1.07 0.26 23.77
CA GLY C 28 1.25 1.65 23.44
C GLY C 28 0.29 2.04 22.32
N ILE C 29 -0.30 3.23 22.41
CA ILE C 29 -1.29 3.65 21.43
C ILE C 29 -1.00 5.05 20.87
N GLY C 30 0.21 5.55 21.11
CA GLY C 30 0.68 6.78 20.50
C GLY C 30 -0.31 7.94 20.60
N ARG C 31 -0.84 8.15 21.80
CA ARG C 31 -1.74 9.27 22.07
C ARG C 31 -3.01 9.27 21.23
N ASN C 32 -3.37 8.11 20.68
CA ASN C 32 -4.62 7.99 19.94
C ASN C 32 -5.75 7.60 20.89
N ILE C 33 -6.03 8.51 21.82
CA ILE C 33 -7.04 8.27 22.85
C ILE C 33 -8.01 9.44 22.90
N GLY C 34 -9.28 9.13 23.14
CA GLY C 34 -10.29 10.15 23.29
C GLY C 34 -10.92 10.06 24.68
N TRP C 35 -11.22 11.20 25.28
CA TRP C 35 -11.95 11.23 26.54
C TRP C 35 -13.39 11.66 26.32
N LEU C 36 -14.32 10.84 26.78
CA LEU C 36 -15.74 11.08 26.59
C LEU C 36 -16.44 11.37 27.92
N GLN C 37 -17.39 12.30 27.89
CA GLN C 37 -18.18 12.65 29.05
C GLN C 37 -19.63 12.24 28.85
N GLN C 38 -20.21 11.53 29.82
CA GLN C 38 -21.60 11.11 29.73
C GLN C 38 -22.43 11.51 30.94
N LYS C 39 -23.23 12.56 30.77
CA LYS C 39 -24.17 12.96 31.80
C LYS C 39 -25.21 11.87 32.00
N PRO C 40 -25.60 11.61 33.26
CA PRO C 40 -26.55 10.54 33.56
C PRO C 40 -27.81 10.63 32.71
N GLY C 41 -28.12 9.58 31.96
CA GLY C 41 -29.33 9.53 31.16
C GLY C 41 -29.13 10.05 29.75
N LYS C 42 -28.30 11.09 29.61
CA LYS C 42 -28.08 11.71 28.31
C LYS C 42 -27.04 10.95 27.49
N SER C 43 -26.58 11.57 26.41
CA SER C 43 -25.61 10.97 25.51
C SER C 43 -24.20 11.39 25.89
N PHE C 44 -23.27 11.29 24.95
CA PHE C 44 -21.87 11.51 25.20
C PHE C 44 -21.48 12.84 24.59
N LYS C 45 -20.25 13.26 24.87
CA LYS C 45 -19.71 14.48 24.31
C LYS C 45 -18.20 14.35 24.37
N GLY C 46 -17.57 14.38 23.21
CA GLY C 46 -16.13 14.21 23.15
C GLY C 46 -15.40 15.45 23.62
N LEU C 47 -14.74 15.33 24.76
CA LEU C 47 -14.05 16.47 25.34
C LEU C 47 -12.65 16.60 24.78
N ILE C 48 -11.92 15.50 24.74
CA ILE C 48 -10.52 15.52 24.36
C ILE C 48 -10.15 14.47 23.31
N TYR C 49 -9.38 14.89 22.31
CA TYR C 49 -8.96 13.98 21.25
C TYR C 49 -7.44 13.91 21.12
N HIS C 50 -6.94 12.75 20.69
CA HIS C 50 -5.52 12.49 20.56
C HIS C 50 -4.72 12.83 21.82
N GLY C 51 -5.31 12.54 22.98
CA GLY C 51 -4.57 12.60 24.24
C GLY C 51 -4.54 13.95 24.92
N THR C 52 -4.28 15.00 24.16
CA THR C 52 -4.02 16.31 24.75
C THR C 52 -4.76 17.46 24.07
N ASN C 53 -5.63 17.15 23.11
CA ASN C 53 -6.32 18.20 22.39
C ASN C 53 -7.72 18.43 22.93
N LEU C 54 -8.00 19.69 23.22
CA LEU C 54 -9.28 20.12 23.76
C LEU C 54 -10.22 20.49 22.61
N LYS C 55 -11.31 19.74 22.47
CA LYS C 55 -12.26 20.06 21.40
C LYS C 55 -12.79 21.46 21.66
N ASP C 56 -12.88 22.25 20.60
CA ASP C 56 -13.35 23.62 20.73
C ASP C 56 -14.71 23.69 21.41
N GLY C 57 -14.89 24.65 22.31
CA GLY C 57 -16.16 24.79 23.00
C GLY C 57 -16.16 24.06 24.32
N VAL C 58 -15.03 23.45 24.66
CA VAL C 58 -14.89 22.75 25.94
C VAL C 58 -14.00 23.57 26.88
N PRO C 59 -14.48 23.81 28.11
CA PRO C 59 -13.72 24.60 29.09
C PRO C 59 -12.26 24.15 29.21
N SER C 60 -11.38 25.09 29.51
CA SER C 60 -9.96 24.80 29.69
C SER C 60 -9.69 24.04 30.99
N ARG C 61 -10.70 23.94 31.85
CA ARG C 61 -10.57 23.19 33.09
C ARG C 61 -10.19 21.74 32.80
N PHE C 62 -10.61 21.25 31.65
CA PHE C 62 -10.28 19.89 31.25
C PHE C 62 -8.93 19.87 30.53
N SER C 63 -8.14 18.85 30.82
CA SER C 63 -6.86 18.66 30.14
C SER C 63 -6.44 17.21 30.21
N GLY C 64 -5.91 16.70 29.11
CA GLY C 64 -5.45 15.33 29.03
C GLY C 64 -3.94 15.26 28.95
N SER C 65 -3.37 14.18 29.48
CA SER C 65 -1.92 14.02 29.47
C SER C 65 -1.59 12.56 29.35
N GLY C 66 -0.32 12.26 29.11
CA GLY C 66 0.14 10.89 29.03
C GLY C 66 0.72 10.57 27.67
N SER C 67 1.30 9.38 27.57
CA SER C 67 1.85 8.87 26.32
C SER C 67 2.03 7.37 26.46
N GLY C 68 2.41 6.70 25.38
CA GLY C 68 2.58 5.27 25.42
C GLY C 68 1.28 4.57 25.77
N ALA C 69 1.22 4.01 26.97
CA ALA C 69 0.05 3.25 27.38
C ALA C 69 -0.63 3.82 28.63
N ASP C 70 -0.21 5.01 29.05
CA ASP C 70 -0.76 5.60 30.27
C ASP C 70 -1.22 7.05 30.09
N TYR C 71 -2.52 7.28 30.27
CA TYR C 71 -3.11 8.59 30.05
C TYR C 71 -3.99 9.01 31.21
N SER C 72 -4.14 10.33 31.39
CA SER C 72 -4.90 10.87 32.50
C SER C 72 -5.75 12.06 32.07
N LEU C 73 -7.03 12.02 32.41
CA LEU C 73 -7.88 13.19 32.28
C LEU C 73 -7.86 13.92 33.62
N THR C 74 -7.69 15.24 33.58
CA THR C 74 -7.60 16.05 34.80
C THR C 74 -8.56 17.22 34.75
N ILE C 75 -9.54 17.21 35.64
CA ILE C 75 -10.50 18.30 35.75
C ILE C 75 -10.14 19.18 36.93
N SER C 76 -10.09 20.49 36.69
CA SER C 76 -9.78 21.47 37.73
C SER C 76 -10.93 22.44 37.91
N ARG C 77 -11.01 23.05 39.10
CA ARG C 77 -12.10 23.98 39.41
C ARG C 77 -13.46 23.35 39.14
N ILE C 78 -13.64 22.13 39.60
CA ILE C 78 -14.87 21.39 39.38
C ILE C 78 -16.12 22.24 39.62
N GLU C 79 -16.95 22.36 38.58
CA GLU C 79 -18.21 23.08 38.67
C GLU C 79 -19.38 22.09 38.79
N SER C 80 -20.59 22.64 38.87
CA SER C 80 -21.79 21.83 39.07
C SER C 80 -22.11 20.96 37.86
N GLU C 81 -21.71 21.41 36.68
CA GLU C 81 -22.03 20.68 35.45
C GLU C 81 -20.89 19.79 35.00
N ASP C 82 -20.16 19.22 35.96
CA ASP C 82 -19.08 18.29 35.66
C ASP C 82 -19.34 16.91 36.26
N PHE C 83 -20.52 16.74 36.84
CA PHE C 83 -20.86 15.49 37.52
C PHE C 83 -21.38 14.47 36.52
N ALA C 84 -20.50 13.60 36.05
CA ALA C 84 -20.87 12.62 35.04
C ALA C 84 -19.98 11.39 35.07
N ASP C 85 -20.22 10.47 34.14
CA ASP C 85 -19.38 9.30 33.96
C ASP C 85 -18.40 9.60 32.83
N TYR C 86 -17.15 9.20 33.00
CA TYR C 86 -16.12 9.51 32.01
C TYR C 86 -15.47 8.26 31.42
N TYR C 87 -15.46 8.17 30.10
CA TYR C 87 -14.87 7.03 29.41
C TYR C 87 -13.68 7.44 28.57
N CYS C 88 -12.77 6.50 28.40
CA CYS C 88 -11.63 6.69 27.52
C CYS C 88 -11.79 5.73 26.35
N ILE C 89 -11.41 6.16 25.18
CA ILE C 89 -11.49 5.34 23.98
C ILE C 89 -10.17 5.35 23.26
N GLN C 90 -9.78 4.20 22.72
CA GLN C 90 -8.58 4.10 21.90
C GLN C 90 -8.98 3.83 20.45
N TYR C 91 -8.28 4.46 19.51
CA TYR C 91 -8.58 4.27 18.10
C TYR C 91 -7.34 4.15 17.23
N VAL C 92 -6.30 3.51 17.76
CA VAL C 92 -5.07 3.33 16.99
C VAL C 92 -5.06 1.97 16.29
N GLN C 93 -5.95 1.07 16.71
CA GLN C 93 -6.12 -0.19 15.99
C GLN C 93 -7.54 -0.71 16.17
N PHE C 94 -7.97 -1.54 15.23
CA PHE C 94 -9.32 -2.11 15.28
C PHE C 94 -9.29 -3.39 16.12
N PRO C 95 -10.35 -3.61 16.92
CA PRO C 95 -11.49 -2.70 17.07
C PRO C 95 -11.21 -1.59 18.08
N TYR C 96 -11.90 -0.47 17.96
CA TYR C 96 -11.80 0.60 18.94
C TYR C 96 -12.38 0.10 20.25
N THR C 97 -11.63 0.28 21.34
CA THR C 97 -12.05 -0.22 22.65
C THR C 97 -12.20 0.90 23.66
N PHE C 98 -13.08 0.70 24.64
CA PHE C 98 -13.35 1.70 25.66
C PHE C 98 -12.86 1.27 27.03
N GLY C 99 -12.84 2.23 27.96
CA GLY C 99 -12.56 1.94 29.35
C GLY C 99 -13.84 1.58 30.07
N GLY C 100 -13.72 1.23 31.35
CA GLY C 100 -14.87 0.81 32.14
C GLY C 100 -15.72 1.98 32.59
N GLY C 101 -15.13 3.17 32.57
CA GLY C 101 -15.81 4.36 33.04
C GLY C 101 -15.32 4.80 34.40
N THR C 102 -15.64 6.04 34.76
CA THR C 102 -15.27 6.61 36.04
C THR C 102 -16.37 7.56 36.48
N LYS C 103 -17.26 7.09 37.35
CA LYS C 103 -18.34 7.93 37.83
C LYS C 103 -17.82 8.99 38.80
N LEU C 104 -18.04 10.25 38.42
CA LEU C 104 -17.56 11.38 39.20
C LEU C 104 -18.70 11.97 40.02
N GLU C 105 -18.67 11.75 41.34
CA GLU C 105 -19.71 12.25 42.22
C GLU C 105 -19.25 13.53 42.91
N ILE C 106 -20.21 14.33 43.37
CA ILE C 106 -19.89 15.60 44.01
C ILE C 106 -20.19 15.55 45.50
N LYS C 107 -19.30 16.12 46.30
CA LYS C 107 -19.51 16.22 47.75
C LYS C 107 -20.19 17.54 48.13
N ARG C 108 -21.06 17.47 49.13
CA ARG C 108 -21.78 18.65 49.57
C ARG C 108 -22.20 18.49 51.03
N ALA C 109 -22.91 19.49 51.54
CA ALA C 109 -23.44 19.44 52.90
C ALA C 109 -24.52 18.37 53.02
N ASP C 110 -24.55 17.68 54.16
CA ASP C 110 -25.55 16.65 54.40
C ASP C 110 -26.94 17.28 54.40
N ALA C 111 -27.86 16.69 53.66
CA ALA C 111 -29.23 17.23 53.57
C ALA C 111 -30.27 16.25 54.08
N ALA C 112 -31.36 16.80 54.59
CA ALA C 112 -32.45 15.98 55.12
C ALA C 112 -33.42 15.62 54.01
N PRO C 113 -33.86 14.36 53.99
CA PRO C 113 -34.84 13.91 53.00
C PRO C 113 -36.22 14.51 53.27
N THR C 114 -36.76 15.22 52.29
CA THR C 114 -38.14 15.69 52.39
C THR C 114 -39.04 14.55 51.95
N VAL C 115 -39.73 13.96 52.91
CA VAL C 115 -40.54 12.77 52.67
C VAL C 115 -42.01 13.08 52.42
N SER C 116 -42.59 12.39 51.45
CA SER C 116 -44.03 12.49 51.16
C SER C 116 -44.57 11.09 50.96
N ILE C 117 -45.75 10.83 51.50
CA ILE C 117 -46.39 9.53 51.36
C ILE C 117 -47.69 9.66 50.58
N PHE C 118 -47.99 8.65 49.78
CA PHE C 118 -49.16 8.66 48.93
C PHE C 118 -49.90 7.32 48.99
N PRO C 119 -51.16 7.36 49.44
CA PRO C 119 -51.99 6.15 49.43
C PRO C 119 -52.32 5.71 48.02
N PRO C 120 -52.79 4.46 47.86
CA PRO C 120 -53.25 3.99 46.56
C PRO C 120 -54.30 4.93 45.97
N SER C 121 -54.14 5.28 44.69
CA SER C 121 -55.12 6.13 44.04
C SER C 121 -56.45 5.39 43.92
N SER C 122 -57.53 6.13 43.70
CA SER C 122 -58.84 5.52 43.54
C SER C 122 -58.84 4.57 42.35
N GLU C 123 -58.15 4.98 41.29
CA GLU C 123 -58.17 4.24 40.03
C GLU C 123 -57.50 2.88 40.18
N GLN C 124 -56.38 2.83 40.87
CA GLN C 124 -55.64 1.58 41.04
C GLN C 124 -56.43 0.58 41.88
N LEU C 125 -57.20 1.10 42.83
CA LEU C 125 -57.97 0.25 43.72
C LEU C 125 -59.15 -0.40 43.02
N THR C 126 -59.47 0.09 41.83
CA THR C 126 -60.60 -0.46 41.09
C THR C 126 -60.17 -1.66 40.25
N SER C 127 -58.88 -1.70 39.92
CA SER C 127 -58.35 -2.79 39.10
C SER C 127 -58.16 -4.05 39.95
N GLY C 128 -57.74 -3.88 41.21
CA GLY C 128 -57.47 -5.01 42.08
C GLY C 128 -56.13 -4.96 42.78
N GLY C 129 -55.34 -3.91 42.52
CA GLY C 129 -54.07 -3.72 43.17
C GLY C 129 -54.04 -2.51 44.08
N ALA C 130 -52.97 -2.39 44.85
CA ALA C 130 -52.80 -1.26 45.76
C ALA C 130 -51.31 -1.00 46.00
N SER C 131 -50.88 0.22 45.68
CA SER C 131 -49.49 0.59 45.90
C SER C 131 -49.44 1.83 46.80
N VAL C 132 -48.65 1.74 47.87
CA VAL C 132 -48.38 2.92 48.69
C VAL C 132 -47.00 3.42 48.32
N VAL C 133 -46.93 4.68 47.86
CA VAL C 133 -45.69 5.24 47.35
C VAL C 133 -45.13 6.30 48.29
N CYS C 134 -43.83 6.24 48.56
CA CYS C 134 -43.19 7.19 49.46
C CYS C 134 -41.98 7.83 48.77
N PHE C 135 -42.04 9.14 48.56
CA PHE C 135 -40.96 9.88 47.91
C PHE C 135 -40.03 10.54 48.92
N LEU C 136 -38.74 10.26 48.80
CA LEU C 136 -37.72 10.90 49.63
C LEU C 136 -36.82 11.78 48.77
N ASN C 137 -37.02 13.09 48.85
CA ASN C 137 -36.39 14.00 47.89
C ASN C 137 -35.30 14.90 48.48
N ASN C 138 -34.30 15.20 47.64
CA ASN C 138 -33.25 16.16 47.96
C ASN C 138 -32.52 15.89 49.27
N PHE C 139 -31.84 14.75 49.35
CA PHE C 139 -31.06 14.40 50.52
C PHE C 139 -29.63 14.05 50.14
N TYR C 140 -28.75 14.03 51.12
CA TYR C 140 -27.35 13.68 50.89
C TYR C 140 -26.75 13.19 52.21
N PRO C 141 -25.92 12.15 52.16
CA PRO C 141 -25.47 11.43 50.96
C PRO C 141 -26.51 10.48 50.36
N LYS C 142 -26.07 9.74 49.34
CA LYS C 142 -26.92 8.84 48.58
C LYS C 142 -27.44 7.72 49.47
N ASP C 143 -26.58 7.25 50.38
CA ASP C 143 -26.91 6.13 51.25
C ASP C 143 -28.02 6.50 52.22
N ILE C 144 -29.13 5.77 52.15
CA ILE C 144 -30.27 6.01 53.03
C ILE C 144 -31.12 4.76 53.10
N ASN C 145 -31.71 4.51 54.27
CA ASN C 145 -32.50 3.32 54.49
C ASN C 145 -33.98 3.67 54.68
N VAL C 146 -34.86 2.85 54.10
CA VAL C 146 -36.29 3.08 54.22
C VAL C 146 -36.98 1.84 54.79
N LYS C 147 -37.91 2.07 55.71
CA LYS C 147 -38.57 0.99 56.42
C LYS C 147 -40.08 1.23 56.36
N TRP C 148 -40.83 0.19 55.99
CA TRP C 148 -42.27 0.31 55.89
C TRP C 148 -42.95 -0.34 57.10
N LYS C 149 -43.98 0.33 57.61
CA LYS C 149 -44.75 -0.18 58.73
C LYS C 149 -46.24 -0.14 58.43
N ILE C 150 -46.93 -1.25 58.69
CA ILE C 150 -48.38 -1.31 58.58
C ILE C 150 -48.96 -1.67 59.95
N ASP C 151 -49.71 -0.74 60.55
CA ASP C 151 -50.26 -0.94 61.89
C ASP C 151 -49.15 -1.30 62.88
N GLY C 152 -48.03 -0.59 62.78
CA GLY C 152 -46.96 -0.77 63.74
C GLY C 152 -46.00 -1.88 63.39
N SER C 153 -46.49 -2.89 62.67
CA SER C 153 -45.64 -4.01 62.28
C SER C 153 -44.86 -3.68 61.03
N GLU C 154 -43.58 -4.05 61.01
CA GLU C 154 -42.73 -3.79 59.87
C GLU C 154 -42.96 -4.79 58.76
N ARG C 155 -43.19 -4.29 57.54
CA ARG C 155 -43.38 -5.14 56.38
C ARG C 155 -42.14 -5.07 55.50
N GLN C 156 -41.57 -6.23 55.18
CA GLN C 156 -40.30 -6.29 54.46
C GLN C 156 -40.51 -6.47 52.96
N ASN C 157 -41.14 -7.58 52.59
CA ASN C 157 -41.36 -7.92 51.19
C ASN C 157 -42.44 -7.07 50.55
N GLY C 158 -42.35 -6.89 49.24
CA GLY C 158 -43.31 -6.09 48.51
C GLY C 158 -42.85 -4.65 48.36
N VAL C 159 -41.56 -4.42 48.62
CA VAL C 159 -41.03 -3.07 48.58
C VAL C 159 -39.98 -2.92 47.49
N LEU C 160 -40.19 -1.95 46.60
CA LEU C 160 -39.22 -1.67 45.56
C LEU C 160 -38.70 -0.25 45.73
N ASN C 161 -37.38 -0.11 45.65
CA ASN C 161 -36.72 1.17 45.84
C ASN C 161 -35.94 1.60 44.61
N SER C 162 -36.05 2.88 44.27
CA SER C 162 -35.36 3.42 43.10
C SER C 162 -34.74 4.78 43.41
N TRP C 163 -33.43 4.87 43.25
CA TRP C 163 -32.70 6.11 43.49
C TRP C 163 -32.47 6.85 42.18
N THR C 164 -32.51 8.17 42.25
CA THR C 164 -32.23 9.01 41.10
C THR C 164 -30.74 9.20 40.98
N ASP C 165 -30.32 9.78 39.86
CA ASP C 165 -28.92 10.14 39.70
C ASP C 165 -28.71 11.41 40.50
N GLN C 166 -27.45 11.78 40.71
CA GLN C 166 -27.15 12.98 41.46
C GLN C 166 -27.66 14.20 40.69
N ASP C 167 -28.56 14.95 41.31
CA ASP C 167 -29.05 16.17 40.72
C ASP C 167 -27.87 17.06 40.40
N SER C 168 -27.79 17.52 39.15
CA SER C 168 -26.67 18.32 38.69
C SER C 168 -26.84 19.81 39.02
N LYS C 169 -27.71 20.10 39.99
CA LYS C 169 -27.92 21.47 40.43
C LYS C 169 -27.57 21.63 41.90
N ASP C 170 -28.38 21.04 42.76
CA ASP C 170 -28.16 21.08 44.21
C ASP C 170 -27.25 19.96 44.69
N SER C 171 -26.86 19.08 43.79
CA SER C 171 -25.92 18.00 44.10
C SER C 171 -26.50 16.97 45.06
N THR C 172 -27.82 16.95 45.21
CA THR C 172 -28.49 16.01 46.11
C THR C 172 -29.05 14.82 45.35
N TYR C 173 -29.43 13.80 46.10
CA TYR C 173 -30.08 12.62 45.54
C TYR C 173 -31.56 12.60 45.91
N SER C 174 -32.30 11.69 45.28
CA SER C 174 -33.70 11.49 45.62
C SER C 174 -34.02 10.02 45.43
N MET C 175 -35.09 9.58 46.07
CA MET C 175 -35.45 8.16 46.07
C MET C 175 -36.96 7.99 46.15
N SER C 176 -37.46 6.90 45.60
CA SER C 176 -38.85 6.52 45.84
C SER C 176 -38.90 5.09 46.33
N SER C 177 -39.83 4.82 47.24
CA SER C 177 -40.08 3.47 47.73
C SER C 177 -41.54 3.14 47.56
N THR C 178 -41.84 2.00 46.97
CA THR C 178 -43.22 1.64 46.70
C THR C 178 -43.55 0.32 47.37
N LEU C 179 -44.56 0.35 48.22
CA LEU C 179 -45.06 -0.85 48.87
C LEU C 179 -46.26 -1.37 48.10
N THR C 180 -46.16 -2.59 47.59
CA THR C 180 -47.22 -3.18 46.77
C THR C 180 -47.96 -4.28 47.52
N LEU C 181 -49.23 -4.02 47.77
CA LEU C 181 -50.10 -4.93 48.50
C LEU C 181 -51.28 -5.32 47.64
N THR C 182 -52.03 -6.32 48.06
CA THR C 182 -53.28 -6.62 47.39
C THR C 182 -54.34 -5.70 47.96
N LYS C 183 -55.37 -5.43 47.17
CA LYS C 183 -56.45 -4.54 47.58
C LYS C 183 -57.04 -5.07 48.88
N ASP C 184 -57.12 -6.39 48.98
CA ASP C 184 -57.70 -7.04 50.16
C ASP C 184 -56.96 -6.69 51.44
N GLU C 185 -55.67 -7.00 51.47
CA GLU C 185 -54.87 -6.80 52.68
C GLU C 185 -54.61 -5.31 52.95
N TYR C 186 -54.87 -4.47 51.95
CA TYR C 186 -54.74 -3.02 52.13
C TYR C 186 -55.95 -2.45 52.85
N GLU C 187 -57.14 -2.88 52.44
CA GLU C 187 -58.36 -2.38 53.07
C GLU C 187 -58.65 -3.09 54.39
N ARG C 188 -57.71 -3.93 54.85
CA ARG C 188 -57.87 -4.60 56.12
C ARG C 188 -57.06 -3.93 57.23
N HIS C 189 -56.18 -3.02 56.87
CA HIS C 189 -55.43 -2.28 57.86
C HIS C 189 -55.78 -0.80 57.76
N ASN C 190 -55.29 -0.05 58.74
CA ASN C 190 -55.63 1.37 58.89
C ASN C 190 -54.41 2.26 58.80
N SER C 191 -53.28 1.74 59.25
CA SER C 191 -52.04 2.54 59.39
C SER C 191 -50.94 2.14 58.47
N TYR C 192 -50.44 3.12 57.73
CA TYR C 192 -49.32 2.91 56.82
C TYR C 192 -48.25 3.97 57.08
N THR C 193 -47.05 3.53 57.40
CA THR C 193 -45.97 4.43 57.79
C THR C 193 -44.70 4.19 56.98
N CYS C 194 -44.10 5.27 56.50
CA CYS C 194 -42.88 5.21 55.71
C CYS C 194 -41.81 6.03 56.42
N GLU C 195 -40.77 5.36 56.92
CA GLU C 195 -39.76 6.04 57.73
C GLU C 195 -38.36 5.87 57.16
N ALA C 196 -37.64 6.98 57.10
CA ALA C 196 -36.30 7.03 56.53
C ALA C 196 -35.23 7.11 57.61
N THR C 197 -34.13 6.42 57.37
CA THR C 197 -33.00 6.41 58.30
C THR C 197 -31.78 6.90 57.53
N HIS C 198 -31.39 8.15 57.79
CA HIS C 198 -30.32 8.79 57.05
C HIS C 198 -29.26 9.25 58.04
N LYS C 199 -28.02 9.46 57.59
CA LYS C 199 -26.99 9.87 58.52
C LYS C 199 -27.18 11.32 58.96
N THR C 200 -28.09 12.04 58.31
CA THR C 200 -28.29 13.45 58.64
C THR C 200 -29.00 13.63 59.97
N SER C 201 -29.61 12.55 60.48
CA SER C 201 -30.27 12.61 61.78
C SER C 201 -30.40 11.21 62.39
N THR C 202 -30.14 11.11 63.69
CA THR C 202 -30.29 9.85 64.41
C THR C 202 -31.76 9.50 64.55
N SER C 203 -32.61 10.53 64.56
CA SER C 203 -34.04 10.35 64.66
C SER C 203 -34.64 10.16 63.26
N PRO C 204 -35.26 9.00 63.02
CA PRO C 204 -35.85 8.69 61.71
C PRO C 204 -36.92 9.69 61.26
N ILE C 205 -36.93 10.03 59.98
CA ILE C 205 -37.95 10.89 59.42
C ILE C 205 -39.16 10.07 59.01
N VAL C 206 -40.30 10.37 59.63
CA VAL C 206 -41.48 9.54 59.49
C VAL C 206 -42.64 10.26 58.81
N LYS C 207 -43.26 9.58 57.85
CA LYS C 207 -44.51 10.03 57.25
C LYS C 207 -45.50 8.88 57.33
N SER C 208 -46.77 9.20 57.52
CA SER C 208 -47.78 8.17 57.67
C SER C 208 -49.18 8.73 57.43
N PHE C 209 -50.15 7.83 57.31
CA PHE C 209 -51.53 8.23 57.16
C PHE C 209 -52.43 7.10 57.63
N ASN C 210 -53.71 7.40 57.79
CA ASN C 210 -54.67 6.38 58.16
C ASN C 210 -55.75 6.26 57.08
N ARG C 211 -56.01 5.02 56.66
CA ARG C 211 -56.93 4.74 55.57
C ARG C 211 -58.28 5.42 55.78
N ASN C 212 -58.73 6.19 54.77
CA ASN C 212 -59.98 6.94 54.88
C ASN C 212 -59.93 8.07 55.91
N GLU C 213 -59.40 7.74 57.08
CA GLU C 213 -59.33 8.66 58.21
C GLU C 213 -58.23 9.70 58.02
N PRO D 9 24.47 25.58 -39.66
CA PRO D 9 25.17 24.62 -40.52
C PRO D 9 25.50 23.31 -39.80
N GLU D 10 24.63 22.32 -39.94
CA GLU D 10 24.80 21.02 -39.30
C GLU D 10 25.89 20.21 -40.01
N PRO D 11 26.95 19.84 -39.28
CA PRO D 11 28.01 19.04 -39.89
C PRO D 11 27.50 17.75 -40.53
N VAL D 12 28.28 17.21 -41.46
CA VAL D 12 27.91 16.00 -42.18
C VAL D 12 29.12 15.08 -42.32
N VAL D 13 29.01 13.87 -41.79
CA VAL D 13 30.08 12.89 -41.90
C VAL D 13 29.66 11.80 -42.87
N ALA D 14 30.40 11.67 -43.96
CA ALA D 14 30.08 10.67 -44.98
C ALA D 14 30.87 9.40 -44.75
N VAL D 15 30.19 8.26 -44.89
CA VAL D 15 30.83 6.96 -44.77
C VAL D 15 30.26 6.00 -45.80
N ALA D 16 31.15 5.27 -46.47
CA ALA D 16 30.75 4.32 -47.50
C ALA D 16 30.08 3.10 -46.88
N LEU D 17 29.14 2.51 -47.61
CA LEU D 17 28.42 1.33 -47.14
C LEU D 17 29.39 0.18 -46.89
N GLY D 18 29.35 -0.39 -45.69
CA GLY D 18 30.21 -1.50 -45.35
C GLY D 18 31.53 -1.05 -44.73
N ALA D 19 31.76 0.25 -44.72
CA ALA D 19 32.99 0.80 -44.17
C ALA D 19 32.88 1.04 -42.67
N SER D 20 33.98 1.52 -42.08
CA SER D 20 34.02 1.81 -40.66
C SER D 20 34.36 3.27 -40.44
N ARG D 21 33.99 3.80 -39.29
CA ARG D 21 34.29 5.19 -38.95
C ARG D 21 34.17 5.46 -37.47
N GLN D 22 35.05 6.33 -36.98
CA GLN D 22 35.01 6.75 -35.58
C GLN D 22 34.66 8.23 -35.50
N LEU D 23 33.56 8.51 -34.84
CA LEU D 23 33.15 9.87 -34.59
C LEU D 23 33.58 10.25 -33.18
N THR D 24 34.31 11.35 -33.06
CA THR D 24 34.86 11.77 -31.78
C THR D 24 34.28 13.11 -31.39
N CYS D 25 33.86 13.22 -30.13
CA CYS D 25 33.31 14.47 -29.62
C CYS D 25 34.11 14.89 -28.39
N ARG D 26 34.72 16.06 -28.48
CA ARG D 26 35.53 16.57 -27.38
C ARG D 26 34.87 17.76 -26.69
N LEU D 27 35.18 17.94 -25.41
CA LEU D 27 34.66 19.05 -24.65
C LEU D 27 35.81 19.71 -23.90
N ALA D 28 35.96 21.02 -24.08
CA ALA D 28 36.98 21.79 -23.38
C ALA D 28 36.38 22.36 -22.09
N CYS D 29 36.55 21.66 -20.97
CA CYS D 29 35.96 22.12 -19.73
C CYS D 29 36.92 22.12 -18.55
N ALA D 30 37.21 23.32 -18.05
CA ALA D 30 38.07 23.52 -16.89
C ALA D 30 37.23 23.74 -15.64
N ASP D 31 36.05 23.13 -15.61
CA ASP D 31 35.13 23.27 -14.49
C ASP D 31 34.85 21.92 -13.82
N ARG D 32 33.92 21.93 -12.87
CA ARG D 32 33.53 20.71 -12.17
C ARG D 32 32.32 20.09 -12.85
N GLY D 33 32.17 18.78 -12.75
CA GLY D 33 31.04 18.10 -13.34
C GLY D 33 31.12 18.03 -14.85
N ALA D 34 32.31 17.88 -15.40
CA ALA D 34 32.46 17.80 -16.85
C ALA D 34 32.22 16.39 -17.37
N SER D 35 31.26 16.28 -18.29
CA SER D 35 30.97 15.01 -18.96
C SER D 35 30.72 15.22 -20.45
N VAL D 36 31.16 14.27 -21.29
CA VAL D 36 30.80 14.31 -22.70
C VAL D 36 30.41 12.90 -23.15
N GLN D 37 29.32 12.80 -23.91
CA GLN D 37 28.74 11.51 -24.24
C GLN D 37 28.01 11.56 -25.56
N TRP D 38 28.14 10.51 -26.37
CA TRP D 38 27.29 10.35 -27.54
C TRP D 38 26.02 9.67 -27.06
N ARG D 39 24.88 10.21 -27.45
CA ARG D 39 23.62 9.59 -27.09
C ARG D 39 23.49 8.27 -27.85
N GLY D 40 23.68 7.16 -27.14
CA GLY D 40 23.71 5.84 -27.75
C GLY D 40 22.36 5.38 -28.28
N LEU D 41 22.39 4.61 -29.37
CA LEU D 41 21.16 4.09 -29.96
C LEU D 41 20.93 2.65 -29.51
N ASP D 42 19.68 2.21 -29.54
CA ASP D 42 19.33 0.86 -29.11
C ASP D 42 19.79 -0.21 -30.11
N THR D 43 20.47 0.21 -31.18
CA THR D 43 20.96 -0.74 -32.19
C THR D 43 22.45 -1.03 -32.01
N SER D 44 23.09 -0.40 -31.02
CA SER D 44 24.50 -0.63 -30.76
C SER D 44 24.67 -1.07 -29.30
N LEU D 45 25.84 -1.64 -28.98
CA LEU D 45 26.16 -2.00 -27.61
C LEU D 45 27.66 -2.03 -27.41
N GLY D 46 28.21 -1.00 -26.78
CA GLY D 46 29.64 -0.87 -26.59
C GLY D 46 30.27 -0.03 -27.69
N ALA D 47 29.44 0.64 -28.48
CA ALA D 47 29.91 1.43 -29.60
C ALA D 47 30.56 2.73 -29.13
N VAL D 48 30.17 3.20 -27.96
CA VAL D 48 30.69 4.45 -27.41
C VAL D 48 31.74 4.18 -26.34
N GLN D 49 32.88 4.84 -26.45
CA GLN D 49 33.90 4.80 -25.40
C GLN D 49 34.15 6.20 -24.86
N SER D 50 33.68 6.45 -23.64
CA SER D 50 33.71 7.81 -23.08
C SER D 50 34.77 7.97 -21.98
N ASP D 51 35.22 9.21 -21.76
CA ASP D 51 36.06 9.55 -20.60
C ASP D 51 35.51 10.89 -20.09
N THR D 52 36.36 11.81 -19.65
CA THR D 52 35.82 13.05 -19.09
C THR D 52 35.83 14.28 -19.99
N GLY D 53 36.59 14.23 -21.09
CA GLY D 53 36.71 15.34 -22.01
C GLY D 53 36.58 14.92 -23.45
N ARG D 54 36.22 13.67 -23.67
CA ARG D 54 36.14 13.10 -25.01
C ARG D 54 35.30 11.84 -25.06
N SER D 55 34.57 11.68 -26.15
CA SER D 55 33.73 10.50 -26.35
C SER D 55 33.79 10.03 -27.79
N VAL D 56 34.05 8.75 -27.99
CA VAL D 56 34.25 8.22 -29.34
C VAL D 56 33.22 7.17 -29.73
N LEU D 57 32.35 7.55 -30.66
CA LEU D 57 31.39 6.65 -31.26
C LEU D 57 32.04 5.85 -32.39
N THR D 58 31.80 4.53 -32.41
CA THR D 58 32.40 3.68 -33.43
C THR D 58 31.32 2.99 -34.26
N VAL D 59 31.47 3.09 -35.57
CA VAL D 59 30.56 2.45 -36.51
C VAL D 59 31.34 1.51 -37.40
N ARG D 60 31.08 0.20 -37.25
CA ARG D 60 31.70 -0.79 -38.11
C ARG D 60 30.65 -1.39 -39.05
N ASN D 61 31.12 -1.79 -40.23
CA ASN D 61 30.26 -2.37 -41.25
C ASN D 61 28.99 -1.54 -41.41
N ALA D 62 29.17 -0.28 -41.78
CA ALA D 62 28.09 0.70 -41.85
C ALA D 62 27.00 0.26 -42.82
N SER D 63 25.77 0.16 -42.33
CA SER D 63 24.63 -0.16 -43.18
C SER D 63 23.85 1.12 -43.44
N LEU D 64 22.83 1.04 -44.28
CA LEU D 64 22.01 2.20 -44.59
C LEU D 64 21.16 2.54 -43.38
N SER D 65 20.92 1.55 -42.53
CA SER D 65 20.13 1.72 -41.31
C SER D 65 20.84 2.63 -40.32
N ALA D 66 22.17 2.58 -40.35
CA ALA D 66 22.98 3.36 -39.42
C ALA D 66 23.02 4.85 -39.77
N ALA D 67 22.47 5.21 -40.92
CA ALA D 67 22.50 6.61 -41.36
C ALA D 67 21.46 7.40 -40.58
N GLY D 68 21.79 8.65 -40.28
CA GLY D 68 20.86 9.55 -39.60
C GLY D 68 21.56 10.59 -38.76
N THR D 69 20.86 11.10 -37.75
CA THR D 69 21.42 12.09 -36.84
C THR D 69 21.96 11.47 -35.55
N ARG D 70 23.22 11.75 -35.27
CA ARG D 70 23.85 11.33 -34.02
C ARG D 70 24.06 12.55 -33.13
N VAL D 71 23.76 12.42 -31.84
CA VAL D 71 23.84 13.55 -30.92
C VAL D 71 24.91 13.38 -29.86
N CYS D 72 25.66 14.45 -29.63
CA CYS D 72 26.67 14.48 -28.58
C CYS D 72 26.27 15.46 -27.49
N VAL D 73 26.09 14.96 -26.27
CA VAL D 73 25.68 15.80 -25.15
C VAL D 73 26.86 16.02 -24.22
N GLY D 74 27.06 17.26 -23.82
CA GLY D 74 28.12 17.63 -22.90
C GLY D 74 27.63 18.45 -21.72
N SER D 75 28.27 18.26 -20.57
CA SER D 75 27.95 19.06 -19.40
C SER D 75 29.24 19.64 -18.84
N CYS D 76 29.23 20.93 -18.54
CA CYS D 76 30.42 21.58 -17.97
C CYS D 76 30.05 22.64 -16.93
N GLY D 77 30.14 22.29 -15.65
CA GLY D 77 29.85 23.23 -14.60
C GLY D 77 28.42 23.72 -14.61
N GLY D 78 27.46 22.80 -14.65
CA GLY D 78 26.06 23.15 -14.63
C GLY D 78 25.57 23.76 -15.93
N ARG D 79 26.40 23.66 -16.97
CA ARG D 79 26.04 24.16 -18.29
C ARG D 79 25.98 22.99 -19.25
N THR D 80 24.80 22.77 -19.83
CA THR D 80 24.61 21.61 -20.70
C THR D 80 24.73 22.02 -22.17
N PHE D 81 25.36 21.15 -22.95
CA PHE D 81 25.52 21.37 -24.38
C PHE D 81 25.07 20.16 -25.18
N GLN D 82 24.70 20.40 -26.42
CA GLN D 82 24.46 19.31 -27.35
C GLN D 82 24.85 19.79 -28.75
N HIS D 83 25.52 18.92 -29.49
CA HIS D 83 25.91 19.23 -30.84
C HIS D 83 25.48 18.06 -31.72
N THR D 84 24.86 18.37 -32.85
CA THR D 84 24.35 17.35 -33.75
C THR D 84 25.28 17.12 -34.93
N VAL D 85 25.29 15.88 -35.43
CA VAL D 85 26.02 15.57 -36.66
C VAL D 85 25.19 14.64 -37.54
N GLN D 86 25.16 14.96 -38.83
CA GLN D 86 24.45 14.19 -39.83
C GLN D 86 25.37 13.08 -40.33
N LEU D 87 25.00 11.83 -40.08
CA LEU D 87 25.76 10.71 -40.59
C LEU D 87 25.17 10.26 -41.92
N LEU D 88 25.96 10.39 -42.97
CA LEU D 88 25.51 10.11 -44.33
C LEU D 88 26.16 8.84 -44.86
N VAL D 89 25.34 7.81 -45.10
CA VAL D 89 25.83 6.56 -45.69
C VAL D 89 25.58 6.53 -47.19
N TYR D 90 26.66 6.60 -47.97
CA TYR D 90 26.56 6.63 -49.42
C TYR D 90 27.02 5.31 -50.05
N ALA D 91 26.48 5.02 -51.23
CA ALA D 91 26.89 3.85 -52.00
C ALA D 91 27.11 4.26 -53.44
N PHE D 92 28.34 4.15 -53.92
CA PHE D 92 28.69 4.58 -55.26
C PHE D 92 29.57 3.55 -55.97
N PRO D 93 28.97 2.41 -56.36
CA PRO D 93 29.72 1.31 -57.00
C PRO D 93 30.16 1.69 -58.40
N ASN D 94 31.14 0.96 -58.93
CA ASN D 94 31.57 1.15 -60.32
C ASN D 94 30.69 0.33 -61.26
N GLN D 95 29.41 0.71 -61.34
CA GLN D 95 28.47 0.04 -62.21
C GLN D 95 27.70 1.04 -63.07
N LEU D 96 28.35 1.54 -64.11
CA LEU D 96 27.70 2.42 -65.07
C LEU D 96 27.39 1.67 -66.36
N THR D 97 26.19 1.90 -66.90
CA THR D 97 25.81 1.35 -68.20
C THR D 97 25.33 2.48 -69.11
N VAL D 98 25.54 2.30 -70.41
CA VAL D 98 25.15 3.32 -71.38
C VAL D 98 24.26 2.73 -72.47
N SER D 99 23.22 3.48 -72.85
CA SER D 99 22.36 3.08 -73.95
C SER D 99 22.27 4.18 -75.00
N PRO D 100 22.66 3.86 -76.25
CA PRO D 100 23.15 2.54 -76.67
C PRO D 100 24.64 2.36 -76.35
N ALA D 101 25.11 1.12 -76.39
CA ALA D 101 26.49 0.80 -76.00
C ALA D 101 27.52 1.48 -76.91
N ALA D 102 27.14 1.66 -78.16
CA ALA D 102 27.98 2.35 -79.15
C ALA D 102 27.13 3.37 -79.88
N LEU D 103 27.78 4.34 -80.51
CA LEU D 103 27.04 5.39 -81.19
C LEU D 103 27.26 5.42 -82.70
N VAL D 104 26.23 5.85 -83.40
CA VAL D 104 26.30 6.06 -84.84
C VAL D 104 26.01 7.53 -85.10
N PRO D 105 26.86 8.19 -85.91
CA PRO D 105 26.58 9.59 -86.23
C PRO D 105 25.14 9.74 -86.70
N GLY D 106 24.37 10.57 -86.01
CA GLY D 106 22.98 10.77 -86.33
C GLY D 106 22.06 10.39 -85.19
N ASP D 107 22.55 9.54 -84.28
CA ASP D 107 21.77 9.15 -83.11
C ASP D 107 21.35 10.42 -82.38
N PRO D 108 20.10 10.45 -81.87
CA PRO D 108 19.61 11.66 -81.21
C PRO D 108 19.90 11.73 -79.71
N GLU D 109 20.17 10.60 -79.08
CA GLU D 109 20.37 10.57 -77.64
C GLU D 109 21.41 9.57 -77.16
N VAL D 110 21.78 9.72 -75.89
CA VAL D 110 22.60 8.75 -75.19
C VAL D 110 22.17 8.80 -73.75
N ALA D 111 22.19 7.66 -73.09
CA ALA D 111 21.76 7.57 -71.70
C ALA D 111 22.86 6.95 -70.89
N CYS D 112 23.11 7.54 -69.71
CA CYS D 112 24.03 6.94 -68.77
C CYS D 112 23.20 6.57 -67.56
N THR D 113 23.53 5.44 -66.93
CA THR D 113 22.81 4.99 -65.76
C THR D 113 23.74 4.49 -64.68
N ALA D 114 23.64 5.09 -63.50
CA ALA D 114 24.38 4.63 -62.35
C ALA D 114 23.48 3.66 -61.59
N HIS D 115 24.02 2.52 -61.20
CA HIS D 115 23.23 1.48 -60.55
C HIS D 115 23.58 1.32 -59.08
N LYS D 116 22.57 0.93 -58.30
CA LYS D 116 22.77 0.65 -56.88
C LYS D 116 23.47 1.82 -56.22
N VAL D 117 22.92 3.01 -56.41
CA VAL D 117 23.57 4.24 -55.96
C VAL D 117 22.70 4.99 -54.96
N THR D 118 23.34 5.71 -54.05
CA THR D 118 22.66 6.58 -53.09
C THR D 118 23.68 7.44 -52.36
N PRO D 119 23.35 8.73 -52.14
CA PRO D 119 22.11 9.42 -52.46
C PRO D 119 21.94 9.74 -53.94
N VAL D 120 20.81 10.33 -54.28
CA VAL D 120 20.48 10.67 -55.66
C VAL D 120 20.25 12.18 -55.80
N ASP D 121 20.43 12.89 -54.70
CA ASP D 121 20.30 14.35 -54.69
C ASP D 121 21.19 14.97 -55.75
N PRO D 122 20.62 15.84 -56.60
CA PRO D 122 21.37 16.54 -57.65
C PRO D 122 22.64 17.22 -57.13
N ASN D 123 22.60 17.75 -55.92
CA ASN D 123 23.76 18.42 -55.34
C ASN D 123 24.90 17.47 -55.05
N ALA D 124 24.60 16.17 -55.07
CA ALA D 124 25.61 15.15 -54.79
C ALA D 124 25.97 14.38 -56.07
N LEU D 125 24.97 13.82 -56.73
CA LEU D 125 25.18 13.01 -57.92
C LEU D 125 24.96 13.84 -59.19
N SER D 126 26.04 14.09 -59.92
CA SER D 126 25.98 14.85 -61.16
C SER D 126 26.47 14.01 -62.34
N PHE D 127 25.92 14.27 -63.52
CA PHE D 127 26.33 13.59 -64.73
C PHE D 127 26.91 14.55 -65.76
N SER D 128 27.95 14.12 -66.47
CA SER D 128 28.50 14.90 -67.57
C SER D 128 29.00 14.01 -68.70
N LEU D 129 28.80 14.46 -69.94
CA LEU D 129 29.23 13.70 -71.12
C LEU D 129 30.50 14.32 -71.65
N LEU D 130 31.62 13.63 -71.46
CA LEU D 130 32.93 14.15 -71.84
C LEU D 130 33.40 13.66 -73.21
N VAL D 131 34.19 14.50 -73.87
CA VAL D 131 34.93 14.10 -75.06
C VAL D 131 36.38 14.52 -74.84
N GLY D 132 37.27 13.53 -74.86
CA GLY D 132 38.67 13.78 -74.59
C GLY D 132 38.85 14.53 -73.28
N GLY D 133 39.22 15.80 -73.39
CA GLY D 133 39.43 16.63 -72.21
C GLY D 133 38.20 17.13 -71.49
N GLN D 134 37.39 17.93 -72.19
CA GLN D 134 36.26 18.61 -71.57
C GLN D 134 34.91 18.05 -71.97
N GLU D 135 33.86 18.71 -71.47
CA GLU D 135 32.48 18.29 -71.69
C GLU D 135 32.17 18.54 -73.16
N LEU D 136 31.39 17.65 -73.76
CA LEU D 136 31.05 17.78 -75.17
C LEU D 136 29.97 18.84 -75.35
N GLU D 137 30.40 20.00 -75.84
CA GLU D 137 29.50 21.13 -76.07
C GLU D 137 28.54 20.81 -77.21
N GLY D 138 27.38 21.43 -77.16
CA GLY D 138 26.33 21.16 -78.13
C GLY D 138 25.41 20.09 -77.59
N ALA D 139 25.77 19.54 -76.43
CA ALA D 139 24.94 18.56 -75.75
C ALA D 139 23.82 19.26 -74.99
N GLN D 140 22.90 18.48 -74.44
CA GLN D 140 21.78 19.05 -73.71
C GLN D 140 21.14 18.00 -72.81
N ALA D 141 21.43 18.08 -71.52
CA ALA D 141 20.90 17.13 -70.55
C ALA D 141 19.39 17.28 -70.44
N LEU D 142 18.69 16.16 -70.29
CA LEU D 142 17.23 16.18 -70.25
C LEU D 142 16.70 15.79 -68.88
N GLY D 143 17.43 16.18 -67.83
CA GLY D 143 16.98 15.95 -66.47
C GLY D 143 17.12 14.50 -66.05
N PRO D 144 17.71 14.28 -64.85
CA PRO D 144 17.88 12.90 -64.37
C PRO D 144 16.51 12.23 -64.17
N GLU D 145 16.47 10.91 -64.28
CA GLU D 145 15.25 10.17 -63.95
C GLU D 145 15.58 9.11 -62.91
N VAL D 146 15.44 9.49 -61.64
CA VAL D 146 15.73 8.60 -60.53
C VAL D 146 14.66 7.53 -60.44
N GLN D 147 15.09 6.28 -60.27
CA GLN D 147 14.17 5.17 -60.17
C GLN D 147 14.62 4.29 -59.01
N GLN D 148 13.65 3.89 -58.19
CA GLN D 148 13.94 3.02 -57.07
C GLN D 148 13.93 1.56 -57.51
N GLU D 149 15.07 0.89 -57.34
CA GLU D 149 15.21 -0.51 -57.72
C GLU D 149 15.08 -1.46 -56.53
N PRO D 150 14.81 -2.75 -56.82
CA PRO D 150 14.53 -3.83 -55.87
C PRO D 150 15.84 -4.50 -55.49
N ILE D 151 16.35 -4.09 -54.34
CA ILE D 151 17.57 -4.61 -53.74
C ILE D 151 17.25 -5.16 -52.36
N GLY D 152 16.22 -6.00 -52.33
CA GLY D 152 15.72 -6.60 -51.10
C GLY D 152 15.47 -5.63 -49.96
N GLY D 153 15.86 -5.99 -48.74
CA GLY D 153 15.58 -5.13 -47.60
C GLY D 153 16.38 -3.85 -47.45
N ASP D 154 17.16 -3.49 -48.45
CA ASP D 154 17.78 -2.16 -48.48
C ASP D 154 17.15 -1.33 -49.58
N VAL D 155 17.51 -0.05 -49.65
CA VAL D 155 16.93 0.82 -50.67
C VAL D 155 18.02 1.58 -51.40
N LEU D 156 18.29 1.14 -52.63
CA LEU D 156 19.22 1.82 -53.50
C LEU D 156 18.46 2.44 -54.67
N PHE D 157 19.18 3.08 -55.57
CA PHE D 157 18.53 3.82 -56.65
C PHE D 157 19.24 3.56 -57.99
N ARG D 158 18.50 3.74 -59.07
CA ARG D 158 19.05 3.62 -60.42
C ARG D 158 18.81 4.94 -61.12
N VAL D 159 19.79 5.82 -61.07
CA VAL D 159 19.67 7.14 -61.69
C VAL D 159 20.13 7.09 -63.13
N THR D 160 19.37 7.73 -64.02
CA THR D 160 19.68 7.75 -65.44
C THR D 160 19.63 9.15 -66.03
N GLU D 161 20.71 9.55 -66.70
CA GLU D 161 20.76 10.85 -67.36
C GLU D 161 20.80 10.67 -68.86
N ARG D 162 20.04 11.50 -69.57
CA ARG D 162 19.99 11.44 -71.03
C ARG D 162 20.43 12.77 -71.63
N TRP D 163 21.22 12.70 -72.71
CA TRP D 163 21.66 13.90 -73.41
C TRP D 163 21.09 13.93 -74.83
N ARG D 164 20.88 15.12 -75.36
CA ARG D 164 20.52 15.29 -76.76
C ARG D 164 21.81 15.52 -77.53
N LEU D 165 22.21 14.54 -78.33
CA LEU D 165 23.51 14.60 -79.01
C LEU D 165 23.55 15.64 -80.13
N PRO D 166 24.69 16.31 -80.29
CA PRO D 166 25.00 17.23 -81.39
C PRO D 166 25.69 16.53 -82.55
N PRO D 167 25.80 17.20 -83.71
CA PRO D 167 26.58 16.67 -84.82
C PRO D 167 28.03 16.45 -84.41
N LEU D 168 28.48 15.20 -84.39
CA LEU D 168 29.82 14.84 -83.95
C LEU D 168 30.91 15.53 -84.78
N GLY D 169 30.79 15.41 -86.10
CA GLY D 169 31.66 16.13 -87.02
C GLY D 169 32.95 15.39 -87.30
N THR D 170 33.84 16.06 -88.04
CA THR D 170 35.13 15.48 -88.43
C THR D 170 36.27 16.25 -87.77
N PRO D 171 37.28 15.54 -87.25
CA PRO D 171 37.36 14.08 -87.23
C PRO D 171 36.40 13.46 -86.24
N VAL D 172 35.95 12.24 -86.53
CA VAL D 172 35.02 11.54 -85.65
C VAL D 172 35.76 11.10 -84.39
N PRO D 173 35.26 11.52 -83.22
CA PRO D 173 35.90 11.11 -81.96
C PRO D 173 35.93 9.61 -81.82
N PRO D 174 37.03 9.05 -81.27
CA PRO D 174 37.15 7.61 -81.05
C PRO D 174 36.02 7.09 -80.17
N ALA D 175 35.71 7.86 -79.14
CA ALA D 175 34.64 7.53 -78.22
C ALA D 175 34.24 8.76 -77.40
N LEU D 176 33.02 8.73 -76.88
CA LEU D 176 32.56 9.70 -75.88
C LEU D 176 32.59 9.03 -74.53
N TYR D 177 32.72 9.81 -73.47
CA TYR D 177 32.77 9.24 -72.13
C TYR D 177 31.66 9.80 -71.25
N CYS D 178 30.86 8.93 -70.68
CA CYS D 178 29.89 9.34 -69.67
C CYS D 178 30.56 9.31 -68.30
N GLN D 179 30.53 10.42 -67.57
CA GLN D 179 31.12 10.45 -66.24
C GLN D 179 30.08 10.72 -65.17
N ALA D 180 30.06 9.86 -64.16
CA ALA D 180 29.18 10.07 -63.02
C ALA D 180 30.02 10.50 -61.82
N THR D 181 29.79 11.71 -61.34
CA THR D 181 30.53 12.24 -60.20
C THR D 181 29.64 12.37 -58.97
N MET D 182 30.15 11.95 -57.81
CA MET D 182 29.41 12.17 -56.57
C MET D 182 30.18 13.05 -55.59
N ARG D 183 29.60 14.21 -55.29
CA ARG D 183 30.20 15.15 -54.34
C ARG D 183 29.61 14.97 -52.95
N LEU D 184 30.50 14.73 -51.99
CA LEU D 184 30.12 14.53 -50.60
C LEU D 184 30.96 15.47 -49.75
N PRO D 185 30.64 15.58 -48.46
CA PRO D 185 31.41 16.46 -47.57
C PRO D 185 32.89 16.09 -47.58
N GLY D 186 33.71 16.96 -48.16
CA GLY D 186 35.14 16.75 -48.22
C GLY D 186 35.53 15.51 -49.01
N LEU D 187 34.75 15.17 -50.03
CA LEU D 187 35.02 13.99 -50.84
C LEU D 187 34.34 14.00 -52.19
N GLU D 188 35.09 13.68 -53.24
CA GLU D 188 34.55 13.53 -54.58
C GLU D 188 34.89 12.16 -55.15
N LEU D 189 33.87 11.41 -55.57
CA LEU D 189 34.09 10.13 -56.25
C LEU D 189 33.61 10.26 -57.69
N SER D 190 34.24 9.56 -58.62
CA SER D 190 33.80 9.61 -60.00
C SER D 190 33.95 8.26 -60.71
N HIS D 191 33.10 8.03 -61.71
CA HIS D 191 33.15 6.83 -62.53
C HIS D 191 32.98 7.19 -63.99
N ARG D 192 33.63 6.45 -64.88
CA ARG D 192 33.53 6.72 -66.31
C ARG D 192 33.23 5.46 -67.12
N GLN D 193 32.38 5.63 -68.13
CA GLN D 193 32.06 4.55 -69.05
C GLN D 193 32.22 5.04 -70.48
N ALA D 194 32.89 4.23 -71.29
CA ALA D 194 33.22 4.60 -72.66
C ALA D 194 32.02 4.40 -73.56
N ILE D 195 31.78 5.36 -74.45
CA ILE D 195 30.74 5.23 -75.45
C ILE D 195 31.38 5.35 -76.83
N PRO D 196 31.83 4.21 -77.36
CA PRO D 196 32.53 4.24 -78.65
C PRO D 196 31.66 4.81 -79.74
N VAL D 197 32.25 5.65 -80.58
CA VAL D 197 31.56 6.21 -81.73
C VAL D 197 32.09 5.52 -82.97
N LEU D 198 31.28 4.70 -83.61
CA LEU D 198 31.74 3.97 -84.79
C LEU D 198 31.93 4.92 -85.95
N GLY D 199 33.11 4.83 -86.55
CA GLY D 199 33.51 5.70 -87.63
C GLY D 199 34.74 6.47 -87.22
N GLY D 200 35.62 5.80 -86.47
CA GLY D 200 36.87 6.41 -86.05
C GLY D 200 37.99 5.41 -85.95
N GLU D 201 38.93 5.51 -86.88
N GLU D 201 39.04 5.64 -86.74
CA GLU D 201 40.16 4.71 -86.84
CA GLU D 201 40.13 4.69 -86.82
C GLU D 201 41.06 5.23 -85.74
C GLU D 201 41.16 4.94 -85.72
N ASN D 202 40.70 4.99 -84.48
CA ASN D 202 41.51 5.50 -83.40
C ASN D 202 41.54 4.59 -82.15
N LEU D 203 42.40 4.99 -81.22
CA LEU D 203 42.52 4.42 -79.89
C LEU D 203 41.87 5.21 -78.76
N TYR D 204 41.06 4.56 -77.94
CA TYR D 204 40.49 5.23 -76.77
C TYR D 204 40.75 4.34 -75.57
N PHE D 205 40.67 4.91 -74.38
CA PHE D 205 41.06 4.16 -73.19
C PHE D 205 39.89 3.68 -72.34
N GLN D 206 40.12 2.60 -71.59
CA GLN D 206 39.17 2.09 -70.60
C GLN D 206 37.77 2.68 -70.72
N ASP E 1 7.17 -0.44 -23.44
CA ASP E 1 7.22 -0.84 -22.00
C ASP E 1 7.35 -2.37 -21.99
N VAL E 2 8.57 -2.83 -21.76
CA VAL E 2 8.92 -4.25 -21.90
C VAL E 2 8.84 -5.16 -20.67
N GLN E 3 8.33 -6.36 -20.91
CA GLN E 3 8.30 -7.42 -19.92
C GLN E 3 8.98 -8.65 -20.53
N LEU E 4 9.80 -9.33 -19.75
CA LEU E 4 10.43 -10.58 -20.18
C LEU E 4 10.11 -11.70 -19.19
N GLN E 5 9.76 -12.87 -19.69
CA GLN E 5 9.59 -14.03 -18.82
C GLN E 5 10.15 -15.31 -19.41
N GLU E 6 11.10 -15.92 -18.70
CA GLU E 6 11.66 -17.20 -19.12
C GLU E 6 10.66 -18.30 -18.85
N SER E 7 10.88 -19.45 -19.48
CA SER E 7 10.07 -20.64 -19.26
C SER E 7 10.80 -21.83 -19.84
N GLY E 8 10.55 -23.02 -19.29
CA GLY E 8 11.16 -24.23 -19.80
C GLY E 8 11.33 -25.28 -18.72
N PRO E 9 11.69 -26.50 -19.13
CA PRO E 9 11.90 -27.59 -18.18
C PRO E 9 12.85 -27.21 -17.05
N GLY E 10 12.49 -27.55 -15.81
CA GLY E 10 13.34 -27.30 -14.67
C GLY E 10 14.36 -28.41 -14.48
N LEU E 11 14.06 -29.59 -15.01
CA LEU E 11 14.94 -30.74 -14.88
C LEU E 11 15.44 -31.23 -16.25
N VAL E 12 16.73 -31.53 -16.33
CA VAL E 12 17.34 -32.03 -17.56
C VAL E 12 18.42 -33.06 -17.26
N LYS E 13 18.40 -34.18 -17.98
CA LYS E 13 19.36 -35.26 -17.76
C LYS E 13 20.72 -34.93 -18.39
N PRO E 14 21.81 -35.46 -17.82
CA PRO E 14 23.14 -35.22 -18.39
C PRO E 14 23.21 -35.69 -19.84
N SER E 15 24.04 -35.04 -20.65
CA SER E 15 24.21 -35.38 -22.07
C SER E 15 23.09 -34.85 -22.96
N GLN E 16 21.90 -34.71 -22.40
CA GLN E 16 20.74 -34.20 -23.15
C GLN E 16 20.88 -32.70 -23.37
N SER E 17 19.91 -32.14 -24.10
CA SER E 17 19.93 -30.71 -24.41
C SER E 17 19.01 -29.90 -23.51
N LEU E 18 19.46 -28.69 -23.17
CA LEU E 18 18.69 -27.77 -22.34
C LEU E 18 18.08 -26.67 -23.21
N SER E 19 16.76 -26.52 -23.17
CA SER E 19 16.08 -25.49 -23.94
C SER E 19 15.21 -24.60 -23.08
N LEU E 20 15.37 -23.29 -23.23
CA LEU E 20 14.55 -22.31 -22.53
C LEU E 20 13.96 -21.29 -23.49
N THR E 21 12.85 -20.69 -23.09
CA THR E 21 12.15 -19.71 -23.92
C THR E 21 11.99 -18.40 -23.17
N CYS E 22 12.26 -17.28 -23.84
CA CYS E 22 12.00 -15.96 -23.29
C CYS E 22 10.85 -15.32 -24.06
N SER E 23 9.71 -15.15 -23.40
CA SER E 23 8.56 -14.49 -24.03
C SER E 23 8.60 -13.00 -23.78
N VAL E 24 8.88 -12.23 -24.83
CA VAL E 24 9.00 -10.78 -24.73
C VAL E 24 7.70 -10.10 -25.15
N THR E 25 7.21 -9.19 -24.32
CA THR E 25 5.97 -8.46 -24.58
C THR E 25 6.16 -6.98 -24.31
N GLY E 26 5.65 -6.13 -25.18
CA GLY E 26 5.72 -4.69 -24.99
C GLY E 26 6.74 -4.04 -25.91
N TYR E 27 7.55 -4.87 -26.56
CA TYR E 27 8.56 -4.41 -27.50
C TYR E 27 8.91 -5.53 -28.48
N SER E 28 9.25 -5.14 -29.70
CA SER E 28 9.50 -6.11 -30.76
C SER E 28 10.98 -6.45 -30.82
N ILE E 29 11.32 -7.73 -30.71
CA ILE E 29 12.71 -8.15 -30.67
C ILE E 29 13.43 -7.95 -32.01
N THR E 30 12.78 -7.29 -32.96
CA THR E 30 13.41 -6.97 -34.23
C THR E 30 13.60 -5.47 -34.42
N SER E 31 12.93 -4.68 -33.60
CA SER E 31 13.00 -3.22 -33.71
C SER E 31 14.37 -2.71 -33.29
N GLY E 32 14.94 -3.34 -32.26
CA GLY E 32 16.23 -2.93 -31.74
C GLY E 32 16.65 -3.75 -30.54
N TYR E 33 17.76 -3.36 -29.93
CA TYR E 33 18.26 -3.96 -28.71
C TYR E 33 18.87 -5.34 -28.92
N TYR E 34 19.72 -5.73 -27.98
CA TYR E 34 20.34 -7.04 -27.98
C TYR E 34 19.75 -7.91 -26.88
N TRP E 35 19.43 -9.15 -27.23
CA TRP E 35 18.70 -10.03 -26.33
C TRP E 35 19.61 -11.13 -25.80
N ASN E 36 19.93 -11.03 -24.52
CA ASN E 36 21.00 -11.83 -23.92
C ASN E 36 20.47 -12.99 -23.10
N TRP E 37 21.35 -13.94 -22.83
CA TRP E 37 21.08 -15.02 -21.89
C TRP E 37 22.20 -15.04 -20.85
N ILE E 38 21.83 -14.90 -19.58
CA ILE E 38 22.80 -14.90 -18.49
C ILE E 38 22.49 -16.06 -17.56
N ARG E 39 23.52 -16.62 -16.94
CA ARG E 39 23.33 -17.69 -15.97
C ARG E 39 23.99 -17.35 -14.64
N GLN E 40 23.40 -17.83 -13.56
CA GLN E 40 23.95 -17.59 -12.23
C GLN E 40 24.11 -18.92 -11.51
N PHE E 41 25.36 -19.35 -11.32
CA PHE E 41 25.62 -20.63 -10.69
C PHE E 41 25.30 -20.56 -9.21
N PRO E 42 25.02 -21.72 -8.60
CA PRO E 42 24.89 -21.75 -7.14
C PRO E 42 26.16 -21.18 -6.51
N GLY E 43 26.01 -20.18 -5.66
CA GLY E 43 27.16 -19.46 -5.14
C GLY E 43 27.20 -18.06 -5.72
N ASN E 44 26.31 -17.80 -6.67
CA ASN E 44 26.04 -16.45 -7.17
C ASN E 44 27.08 -15.91 -8.16
N LYS E 45 27.81 -16.82 -8.80
CA LYS E 45 28.73 -16.41 -9.87
C LYS E 45 27.91 -16.21 -11.15
N LEU E 46 28.16 -15.09 -11.83
CA LEU E 46 27.45 -14.79 -13.06
C LEU E 46 28.30 -15.09 -14.29
N GLU E 47 27.64 -15.37 -15.41
CA GLU E 47 28.33 -15.59 -16.67
C GLU E 47 27.43 -15.25 -17.84
N TRP E 48 27.95 -14.43 -18.74
CA TRP E 48 27.25 -14.10 -19.98
C TRP E 48 27.42 -15.25 -20.96
N MET E 49 26.30 -15.74 -21.49
CA MET E 49 26.34 -16.87 -22.40
C MET E 49 26.40 -16.43 -23.85
N GLY E 50 25.61 -15.40 -24.18
CA GLY E 50 25.59 -14.86 -25.52
C GLY E 50 24.34 -14.04 -25.74
N TYR E 51 24.16 -13.52 -26.95
CA TYR E 51 22.94 -12.82 -27.29
C TYR E 51 22.56 -13.05 -28.75
N ILE E 52 21.33 -12.69 -29.09
CA ILE E 52 20.93 -12.56 -30.48
C ILE E 52 20.43 -11.13 -30.66
N SER E 53 20.91 -10.45 -31.69
CA SER E 53 20.58 -9.05 -31.87
C SER E 53 19.25 -8.90 -32.59
N TYR E 54 18.82 -7.65 -32.74
CA TYR E 54 17.58 -7.34 -33.43
C TYR E 54 17.63 -7.82 -34.88
N ASP E 55 18.79 -7.73 -35.51
CA ASP E 55 18.90 -8.12 -36.92
C ASP E 55 19.04 -9.63 -37.12
N GLY E 56 19.20 -10.37 -36.02
CA GLY E 56 19.27 -11.82 -36.07
C GLY E 56 20.67 -12.39 -35.96
N SER E 57 21.67 -11.52 -35.82
CA SER E 57 23.05 -11.95 -35.74
C SER E 57 23.38 -12.43 -34.32
N ASN E 58 24.33 -13.35 -34.21
CA ASN E 58 24.67 -13.95 -32.93
C ASN E 58 26.05 -13.56 -32.42
N ASN E 59 26.31 -13.90 -31.17
CA ASN E 59 27.62 -13.70 -30.56
C ASN E 59 27.71 -14.41 -29.21
N TYR E 60 28.61 -15.37 -29.09
CA TYR E 60 28.63 -16.26 -27.94
C TYR E 60 29.90 -16.14 -27.11
N ASN E 61 29.85 -16.72 -25.92
CA ASN E 61 30.99 -16.78 -25.00
C ASN E 61 31.84 -17.98 -25.36
N PRO E 62 33.15 -17.77 -25.59
CA PRO E 62 34.03 -18.89 -25.98
C PRO E 62 33.94 -20.11 -25.06
N SER E 63 33.73 -19.90 -23.76
CA SER E 63 33.64 -21.00 -22.80
C SER E 63 32.43 -21.90 -23.06
N LEU E 64 31.42 -21.36 -23.71
CA LEU E 64 30.22 -22.12 -24.05
C LEU E 64 30.09 -22.28 -25.55
N LYS E 65 31.13 -21.85 -26.26
CA LYS E 65 31.04 -21.58 -27.69
C LYS E 65 30.44 -22.69 -28.53
N ASN E 66 30.93 -23.90 -28.31
CA ASN E 66 30.49 -25.08 -29.05
C ASN E 66 29.04 -25.47 -28.78
N ARG E 67 28.65 -25.40 -27.52
CA ARG E 67 27.38 -25.95 -27.06
C ARG E 67 26.20 -24.99 -27.11
N VAL E 68 26.48 -23.69 -27.15
CA VAL E 68 25.42 -22.69 -27.05
C VAL E 68 24.82 -22.30 -28.41
N SER E 69 23.53 -22.02 -28.41
CA SER E 69 22.81 -21.59 -29.60
C SER E 69 21.60 -20.73 -29.22
N ILE E 70 21.63 -19.46 -29.59
CA ILE E 70 20.53 -18.55 -29.26
C ILE E 70 19.69 -18.20 -30.49
N THR E 71 18.56 -18.86 -30.63
CA THR E 71 17.69 -18.66 -31.78
C THR E 71 16.48 -17.81 -31.40
N ARG E 72 15.65 -17.47 -32.38
CA ARG E 72 14.47 -16.66 -32.12
C ARG E 72 13.27 -17.01 -32.99
N ASP E 73 12.13 -16.43 -32.64
CA ASP E 73 10.87 -16.63 -33.36
C ASP E 73 10.14 -15.29 -33.43
N THR E 74 10.32 -14.58 -34.54
CA THR E 74 9.81 -13.23 -34.65
C THR E 74 8.29 -13.20 -34.66
N SER E 75 7.70 -14.32 -35.07
CA SER E 75 6.24 -14.43 -35.13
C SER E 75 5.59 -14.29 -33.75
N LYS E 76 6.09 -15.06 -32.78
CA LYS E 76 5.55 -15.02 -31.42
C LYS E 76 6.28 -13.99 -30.55
N ASN E 77 7.31 -13.37 -31.10
CA ASN E 77 8.14 -12.43 -30.35
C ASN E 77 8.83 -13.14 -29.18
N HIS E 78 9.35 -14.33 -29.45
CA HIS E 78 10.10 -15.10 -28.47
C HIS E 78 11.54 -15.21 -28.93
N PHE E 79 12.44 -15.46 -28.00
CA PHE E 79 13.77 -15.89 -28.38
C PHE E 79 14.21 -16.99 -27.43
N PHE E 80 15.08 -17.88 -27.92
CA PHE E 80 15.34 -19.14 -27.23
C PHE E 80 16.81 -19.36 -26.91
N LEU E 81 17.03 -20.28 -25.98
CA LEU E 81 18.37 -20.70 -25.59
C LEU E 81 18.45 -22.22 -25.60
N LYS E 82 19.43 -22.76 -26.30
CA LYS E 82 19.70 -24.18 -26.28
C LYS E 82 21.15 -24.43 -25.86
N LEU E 83 21.35 -25.37 -24.95
CA LEU E 83 22.68 -25.73 -24.49
C LEU E 83 22.81 -27.24 -24.60
N SER E 84 23.92 -27.71 -25.17
CA SER E 84 24.08 -29.13 -25.47
C SER E 84 25.11 -29.80 -24.57
N SER E 85 25.09 -31.14 -24.57
CA SER E 85 26.07 -31.93 -23.83
C SER E 85 26.15 -31.43 -22.40
N VAL E 86 24.98 -31.22 -21.79
CA VAL E 86 24.90 -30.63 -20.47
C VAL E 86 25.45 -31.58 -19.40
N THR E 87 26.33 -31.04 -18.56
CA THR E 87 26.85 -31.77 -17.40
C THR E 87 26.22 -31.18 -16.14
N THR E 88 26.61 -31.73 -14.99
CA THR E 88 26.07 -31.25 -13.72
C THR E 88 26.56 -29.82 -13.44
N GLU E 89 27.66 -29.44 -14.08
CA GLU E 89 28.25 -28.14 -13.84
C GLU E 89 27.49 -27.03 -14.57
N ASP E 90 26.34 -27.38 -15.16
CA ASP E 90 25.49 -26.41 -15.83
C ASP E 90 24.28 -26.03 -14.99
N THR E 91 24.13 -26.66 -13.84
CA THR E 91 23.06 -26.30 -12.91
C THR E 91 23.20 -24.84 -12.51
N ALA E 92 22.16 -24.06 -12.74
CA ALA E 92 22.19 -22.64 -12.45
C ALA E 92 20.84 -22.00 -12.71
N THR E 93 20.68 -20.75 -12.32
CA THR E 93 19.48 -19.98 -12.61
C THR E 93 19.73 -19.18 -13.88
N TYR E 94 18.85 -19.33 -14.86
CA TYR E 94 19.04 -18.68 -16.15
C TYR E 94 18.14 -17.46 -16.33
N TYR E 95 18.76 -16.33 -16.67
CA TYR E 95 18.05 -15.09 -16.88
C TYR E 95 18.17 -14.65 -18.34
N CYS E 96 17.16 -13.95 -18.83
CA CYS E 96 17.22 -13.30 -20.12
C CYS E 96 17.15 -11.80 -19.90
N ALA E 97 17.88 -11.04 -20.69
CA ALA E 97 17.97 -9.61 -20.50
C ALA E 97 18.11 -8.86 -21.82
N ARG E 98 17.42 -7.73 -21.90
CA ARG E 98 17.48 -6.87 -23.07
C ARG E 98 18.46 -5.73 -22.81
N ALA E 99 19.47 -5.58 -23.65
CA ALA E 99 20.48 -4.56 -23.44
C ALA E 99 20.80 -3.75 -24.69
N SER E 100 21.30 -2.54 -24.49
CA SER E 100 21.71 -1.67 -25.58
C SER E 100 22.37 -0.41 -25.03
N ASP E 101 22.88 0.44 -25.91
CA ASP E 101 23.59 1.65 -25.52
C ASP E 101 22.68 2.80 -25.08
N SER E 102 21.38 2.54 -24.95
CA SER E 102 20.46 3.56 -24.43
C SER E 102 19.98 3.21 -23.02
N ASP E 103 19.82 1.92 -22.76
CA ASP E 103 19.33 1.43 -21.47
C ASP E 103 20.47 0.80 -20.69
N GLY E 104 21.19 -0.12 -21.34
CA GLY E 104 22.31 -0.82 -20.74
C GLY E 104 21.89 -1.88 -19.73
N PHE E 105 21.40 -3.01 -20.25
CA PHE E 105 20.99 -4.13 -19.40
C PHE E 105 19.96 -3.68 -18.38
N ALA E 106 18.89 -3.05 -18.86
CA ALA E 106 17.90 -2.47 -17.97
C ALA E 106 16.80 -3.43 -17.56
N TYR E 107 16.45 -4.36 -18.46
CA TYR E 107 15.30 -5.23 -18.24
C TYR E 107 15.70 -6.71 -18.24
N TRP E 108 15.25 -7.42 -17.22
CA TRP E 108 15.59 -8.83 -17.03
C TRP E 108 14.35 -9.68 -16.78
N GLY E 109 14.51 -10.99 -16.92
CA GLY E 109 13.44 -11.91 -16.62
C GLY E 109 13.48 -12.32 -15.15
N GLN E 110 12.46 -13.05 -14.71
CA GLN E 110 12.37 -13.46 -13.31
CA GLN E 110 12.38 -13.45 -13.31
C GLN E 110 13.48 -14.44 -12.95
N GLY E 111 13.99 -15.12 -13.96
CA GLY E 111 15.01 -16.14 -13.76
C GLY E 111 14.34 -17.48 -13.58
N THR E 112 14.85 -18.49 -14.27
CA THR E 112 14.31 -19.84 -14.16
C THR E 112 15.41 -20.79 -13.76
N LEU E 113 15.14 -21.63 -12.77
CA LEU E 113 16.14 -22.56 -12.29
C LEU E 113 16.07 -23.83 -13.12
N VAL E 114 17.22 -24.21 -13.69
CA VAL E 114 17.33 -25.47 -14.42
C VAL E 114 18.34 -26.34 -13.70
N THR E 115 17.88 -27.53 -13.30
CA THR E 115 18.70 -28.50 -12.61
C THR E 115 19.12 -29.64 -13.54
N VAL E 116 20.40 -29.97 -13.52
CA VAL E 116 20.90 -31.10 -14.30
C VAL E 116 21.18 -32.26 -13.36
N SER E 117 20.42 -33.34 -13.55
CA SER E 117 20.50 -34.49 -12.69
C SER E 117 19.80 -35.67 -13.35
N ALA E 118 20.27 -36.88 -13.08
CA ALA E 118 19.63 -38.09 -13.59
C ALA E 118 18.57 -38.60 -12.60
N ALA E 119 18.14 -37.73 -11.69
CA ALA E 119 17.22 -38.11 -10.63
C ALA E 119 15.77 -37.95 -11.06
N LYS E 120 14.90 -38.73 -10.43
CA LYS E 120 13.47 -38.75 -10.75
C LYS E 120 12.74 -37.55 -10.15
N THR E 121 11.68 -37.11 -10.82
CA THR E 121 10.85 -36.03 -10.31
C THR E 121 9.99 -36.56 -9.17
N THR E 122 10.13 -35.98 -7.99
CA THR E 122 9.37 -36.39 -6.81
C THR E 122 8.54 -35.27 -6.20
N ALA E 123 7.26 -35.55 -5.91
CA ALA E 123 6.36 -34.56 -5.32
C ALA E 123 6.67 -34.38 -3.82
N PRO E 124 6.34 -33.20 -3.28
CA PRO E 124 6.58 -32.91 -1.86
C PRO E 124 5.58 -33.57 -0.92
N SER E 125 6.03 -33.95 0.27
CA SER E 125 5.12 -34.25 1.36
C SER E 125 4.96 -32.99 2.18
N VAL E 126 3.72 -32.57 2.42
CA VAL E 126 3.48 -31.37 3.21
C VAL E 126 2.85 -31.73 4.55
N TYR E 127 3.52 -31.31 5.63
CA TYR E 127 3.04 -31.60 6.99
C TYR E 127 2.71 -30.31 7.72
N PRO E 128 1.51 -30.23 8.30
CA PRO E 128 1.13 -29.05 9.09
C PRO E 128 1.75 -29.12 10.48
N LEU E 129 2.46 -28.07 10.88
CA LEU E 129 3.08 -28.02 12.19
C LEU E 129 2.25 -27.17 13.14
N ALA E 130 1.62 -27.86 14.10
CA ALA E 130 0.81 -27.20 15.11
C ALA E 130 1.59 -27.08 16.41
N PRO E 131 1.27 -26.05 17.21
CA PRO E 131 1.97 -25.80 18.48
C PRO E 131 2.05 -27.07 19.31
N VAL E 132 2.95 -27.09 20.29
CA VAL E 132 3.18 -28.29 21.09
C VAL E 132 1.92 -28.61 21.89
N CYS E 133 1.68 -29.90 22.09
CA CYS E 133 0.50 -30.40 22.80
C CYS E 133 0.34 -29.77 24.18
N GLY E 134 1.45 -29.64 24.92
CA GLY E 134 1.40 -29.00 26.23
C GLY E 134 1.81 -27.55 26.07
N GLY E 135 0.92 -26.77 25.47
CA GLY E 135 1.22 -25.38 25.12
C GLY E 135 0.41 -24.40 25.94
N THR E 136 1.11 -23.46 26.58
CA THR E 136 0.45 -22.50 27.45
C THR E 136 0.85 -21.06 27.16
N THR E 137 -0.10 -20.16 27.37
CA THR E 137 0.15 -18.74 27.21
C THR E 137 0.52 -18.35 25.78
N GLY E 138 0.41 -17.04 25.60
CA GLY E 138 0.78 -16.20 24.49
C GLY E 138 -0.35 -15.46 23.85
N SER E 139 -0.01 -14.24 23.48
CA SER E 139 -0.46 -13.10 22.73
C SER E 139 -0.32 -13.40 21.25
N SER E 140 0.75 -14.13 20.96
CA SER E 140 1.06 -14.53 19.61
C SER E 140 1.23 -16.03 19.55
N VAL E 141 0.88 -16.62 18.43
CA VAL E 141 1.06 -18.05 18.22
C VAL E 141 1.82 -18.31 16.92
N THR E 142 2.76 -19.24 16.94
CA THR E 142 3.53 -19.56 15.75
C THR E 142 3.12 -20.90 15.16
N LEU E 143 2.73 -20.89 13.88
CA LEU E 143 2.41 -22.12 13.16
C LEU E 143 3.53 -22.40 12.17
N GLY E 144 3.70 -23.66 11.81
CA GLY E 144 4.75 -24.06 10.89
C GLY E 144 4.25 -24.93 9.74
N CYS E 145 5.13 -25.14 8.77
CA CYS E 145 4.80 -25.98 7.62
C CYS E 145 6.07 -26.67 7.15
N LEU E 146 6.05 -28.00 7.20
CA LEU E 146 7.21 -28.79 6.80
C LEU E 146 7.01 -29.41 5.42
N VAL E 147 7.85 -29.01 4.47
CA VAL E 147 7.76 -29.49 3.10
C VAL E 147 8.97 -30.36 2.80
N LYS E 148 8.79 -31.67 2.83
CA LYS E 148 9.90 -32.61 2.81
C LYS E 148 9.90 -33.54 1.60
N GLY E 149 11.08 -33.81 1.06
CA GLY E 149 11.26 -34.88 0.11
C GLY E 149 10.72 -34.62 -1.29
N TYR E 150 11.15 -33.51 -1.89
CA TYR E 150 10.76 -33.19 -3.26
C TYR E 150 11.97 -33.02 -4.16
N PHE E 151 11.74 -33.11 -5.46
CA PHE E 151 12.80 -32.88 -6.44
C PHE E 151 12.20 -32.64 -7.82
N PRO E 152 12.76 -31.69 -8.58
CA PRO E 152 13.84 -30.79 -8.19
C PRO E 152 13.26 -29.51 -7.60
N GLU E 153 14.09 -28.51 -7.40
CA GLU E 153 13.61 -27.20 -6.97
C GLU E 153 12.99 -26.49 -8.17
N PRO E 154 12.14 -25.49 -7.92
CA PRO E 154 11.73 -24.99 -6.60
C PRO E 154 10.30 -25.38 -6.23
N VAL E 155 9.91 -25.00 -5.02
CA VAL E 155 8.52 -25.10 -4.58
C VAL E 155 8.06 -23.68 -4.24
N THR E 156 6.76 -23.47 -4.28
CA THR E 156 6.20 -22.15 -3.99
C THR E 156 5.27 -22.28 -2.80
N LEU E 157 5.63 -21.60 -1.71
CA LEU E 157 4.88 -21.70 -0.47
C LEU E 157 4.27 -20.37 -0.06
N THR E 158 2.95 -20.37 0.11
CA THR E 158 2.23 -19.22 0.61
C THR E 158 1.26 -19.64 1.71
N TRP E 159 0.81 -18.68 2.51
CA TRP E 159 -0.19 -18.95 3.54
C TRP E 159 -1.53 -18.33 3.16
N ASN E 160 -2.59 -19.11 3.30
CA ASN E 160 -3.93 -18.67 2.90
C ASN E 160 -3.92 -18.12 1.49
N SER E 161 -3.20 -18.80 0.59
CA SER E 161 -3.20 -18.47 -0.82
C SER E 161 -2.64 -17.07 -1.07
N GLY E 162 -1.81 -16.61 -0.14
CA GLY E 162 -1.15 -15.32 -0.28
C GLY E 162 -1.81 -14.24 0.55
N SER E 163 -2.98 -14.55 1.10
CA SER E 163 -3.73 -13.59 1.89
C SER E 163 -2.96 -13.23 3.16
N LEU E 164 -2.01 -14.08 3.54
CA LEU E 164 -1.26 -13.94 4.78
C LEU E 164 0.21 -13.76 4.45
N SER E 165 0.60 -12.52 4.18
CA SER E 165 1.98 -12.22 3.77
C SER E 165 2.80 -11.65 4.92
N SER E 166 2.14 -11.31 6.03
CA SER E 166 2.81 -10.67 7.15
C SER E 166 3.18 -11.65 8.26
N GLY E 167 4.42 -11.58 8.72
CA GLY E 167 4.87 -12.41 9.81
C GLY E 167 5.26 -13.82 9.37
N VAL E 168 5.56 -13.96 8.08
CA VAL E 168 5.90 -15.26 7.53
C VAL E 168 7.38 -15.32 7.19
N HIS E 169 8.02 -16.43 7.57
CA HIS E 169 9.44 -16.63 7.30
C HIS E 169 9.64 -17.98 6.63
N THR E 170 10.01 -17.96 5.36
CA THR E 170 10.29 -19.18 4.62
C THR E 170 11.79 -19.32 4.46
N PHE E 171 12.30 -20.49 4.83
CA PHE E 171 13.75 -20.71 4.85
C PHE E 171 14.22 -21.37 3.57
N PRO E 172 15.45 -21.07 3.14
CA PRO E 172 15.95 -21.76 1.95
C PRO E 172 15.89 -23.27 2.11
N ALA E 173 15.50 -23.97 1.04
CA ALA E 173 15.43 -25.42 1.06
C ALA E 173 16.82 -26.02 1.14
N ILE E 174 16.91 -27.27 1.61
CA ILE E 174 18.20 -27.93 1.68
C ILE E 174 18.02 -29.39 1.24
N LEU E 175 19.02 -29.90 0.54
CA LEU E 175 19.00 -31.25 -0.04
C LEU E 175 19.65 -32.24 0.93
N GLN E 176 18.88 -33.23 1.38
CA GLN E 176 19.47 -34.40 2.01
C GLN E 176 19.16 -35.70 1.28
N SER E 177 20.23 -36.40 0.92
CA SER E 177 20.17 -37.66 0.19
C SER E 177 19.39 -37.56 -1.10
N GLY E 178 19.61 -36.47 -1.84
CA GLY E 178 19.01 -36.28 -3.14
C GLY E 178 17.59 -35.76 -3.14
N LEU E 179 17.08 -35.38 -1.98
CA LEU E 179 15.73 -34.81 -1.89
C LEU E 179 15.77 -33.52 -1.07
N TYR E 180 15.01 -32.53 -1.49
CA TYR E 180 15.01 -31.23 -0.84
C TYR E 180 14.00 -31.14 0.29
N THR E 181 14.34 -30.37 1.32
CA THR E 181 13.43 -30.10 2.42
C THR E 181 13.40 -28.61 2.70
N LEU E 182 12.21 -28.09 3.01
CA LEU E 182 12.01 -26.66 3.19
C LEU E 182 10.96 -26.49 4.27
N SER E 183 11.11 -25.44 5.07
CA SER E 183 10.15 -25.17 6.14
C SER E 183 9.72 -23.71 6.10
N SER E 184 8.58 -23.43 6.72
CA SER E 184 8.08 -22.07 6.77
C SER E 184 7.18 -21.89 7.99
N SER E 185 7.35 -20.77 8.68
CA SER E 185 6.56 -20.46 9.86
C SER E 185 5.79 -19.16 9.66
N VAL E 186 4.68 -19.02 10.37
CA VAL E 186 3.89 -17.80 10.33
C VAL E 186 3.36 -17.50 11.73
N THR E 187 3.44 -16.23 12.12
CA THR E 187 3.00 -15.81 13.45
C THR E 187 1.79 -14.88 13.38
N VAL E 188 0.73 -15.25 14.09
CA VAL E 188 -0.46 -14.42 14.19
C VAL E 188 -0.90 -14.26 15.64
N THR E 189 -1.90 -13.41 15.85
CA THR E 189 -2.48 -13.18 17.17
C THR E 189 -3.31 -14.38 17.62
N SER E 190 -3.25 -14.70 18.90
CA SER E 190 -3.88 -15.92 19.42
C SER E 190 -5.38 -15.92 19.16
N ASN E 191 -5.97 -14.74 19.02
CA ASN E 191 -7.39 -14.64 18.76
C ASN E 191 -7.71 -14.98 17.30
N THR E 192 -6.69 -15.05 16.47
CA THR E 192 -6.89 -15.30 15.04
C THR E 192 -6.99 -16.80 14.76
N TRP E 193 -6.24 -17.58 15.54
CA TRP E 193 -6.18 -19.03 15.34
C TRP E 193 -6.35 -19.74 16.69
N PRO E 194 -7.10 -20.86 16.70
CA PRO E 194 -7.76 -21.48 15.55
C PRO E 194 -9.15 -20.90 15.27
N SER E 195 -9.41 -19.69 15.74
CA SER E 195 -10.70 -19.04 15.49
C SER E 195 -10.99 -19.01 14.00
N GLN E 196 -9.98 -18.61 13.24
CA GLN E 196 -10.06 -18.60 11.78
C GLN E 196 -9.17 -19.72 11.25
N THR E 197 -9.36 -20.10 9.99
CA THR E 197 -8.60 -21.20 9.42
C THR E 197 -7.34 -20.70 8.73
N ILE E 198 -6.21 -21.29 9.10
CA ILE E 198 -4.93 -20.98 8.47
C ILE E 198 -4.46 -22.17 7.62
N THR E 199 -4.28 -21.93 6.33
CA THR E 199 -3.87 -22.98 5.40
C THR E 199 -2.48 -22.73 4.83
N CYS E 200 -1.65 -23.76 4.86
CA CYS E 200 -0.35 -23.73 4.19
C CYS E 200 -0.53 -24.21 2.74
N ASN E 201 -0.18 -23.36 1.78
CA ASN E 201 -0.31 -23.69 0.36
C ASN E 201 1.03 -23.95 -0.31
N VAL E 202 1.28 -25.20 -0.69
CA VAL E 202 2.51 -25.58 -1.36
C VAL E 202 2.27 -25.96 -2.82
N ALA E 203 3.09 -25.39 -3.70
CA ALA E 203 3.01 -25.70 -5.13
C ALA E 203 4.36 -26.18 -5.65
N HIS E 204 4.36 -27.35 -6.28
CA HIS E 204 5.57 -27.91 -6.88
C HIS E 204 5.34 -28.09 -8.38
N PRO E 205 5.75 -27.09 -9.18
CA PRO E 205 5.50 -27.07 -10.62
C PRO E 205 6.04 -28.28 -11.37
N ALA E 206 7.20 -28.78 -10.97
CA ALA E 206 7.85 -29.88 -11.69
C ALA E 206 6.94 -31.10 -11.74
N SER E 207 6.20 -31.34 -10.67
CA SER E 207 5.27 -32.47 -10.62
C SER E 207 3.83 -32.02 -10.79
N SER E 208 3.64 -30.72 -10.99
CA SER E 208 2.31 -30.15 -11.19
C SER E 208 1.39 -30.46 -10.00
N THR E 209 1.91 -30.32 -8.79
CA THR E 209 1.13 -30.64 -7.61
C THR E 209 0.85 -29.37 -6.81
N LYS E 210 -0.36 -29.29 -6.27
CA LYS E 210 -0.72 -28.21 -5.36
C LYS E 210 -1.29 -28.80 -4.08
N VAL E 211 -0.57 -28.64 -2.99
CA VAL E 211 -1.03 -29.10 -1.69
C VAL E 211 -1.53 -27.92 -0.86
N ASP E 212 -2.78 -27.99 -0.42
CA ASP E 212 -3.37 -26.94 0.40
C ASP E 212 -3.75 -27.48 1.78
N LYS E 213 -2.74 -27.63 2.64
CA LYS E 213 -2.92 -28.31 3.92
C LYS E 213 -3.26 -27.34 5.05
N LYS E 214 -4.32 -27.65 5.78
CA LYS E 214 -4.82 -26.78 6.84
C LYS E 214 -4.18 -27.16 8.18
N ILE E 215 -3.74 -26.16 8.92
CA ILE E 215 -3.09 -26.38 10.21
C ILE E 215 -4.15 -26.58 11.28
N GLU E 216 -4.09 -27.72 11.97
CA GLU E 216 -5.06 -28.04 12.99
C GLU E 216 -4.36 -28.33 14.33
N PRO E 217 -5.03 -28.01 15.44
CA PRO E 217 -4.46 -28.28 16.77
C PRO E 217 -4.21 -29.77 16.99
N ARG E 218 -3.24 -30.10 17.81
CA ARG E 218 -2.87 -31.49 18.04
C ARG E 218 -3.83 -32.20 18.98
N VAL E 219 -3.87 -33.53 18.86
CA VAL E 219 -4.74 -34.35 19.70
C VAL E 219 -3.88 -35.44 20.35
N PRO E 220 -4.19 -35.79 21.62
CA PRO E 220 -3.45 -36.87 22.28
C PRO E 220 -4.21 -38.19 22.25
N ASP F 1 39.87 -12.79 -21.46
CA ASP F 1 38.65 -12.02 -21.08
C ASP F 1 39.02 -10.90 -20.11
N ILE F 2 38.13 -9.93 -19.98
CA ILE F 2 38.32 -8.85 -19.03
C ILE F 2 37.88 -9.27 -17.64
N LEU F 3 38.80 -9.25 -16.69
CA LEU F 3 38.50 -9.63 -15.32
C LEU F 3 37.95 -8.45 -14.55
N MET F 4 36.74 -8.61 -14.01
CA MET F 4 36.11 -7.57 -13.21
C MET F 4 36.28 -7.90 -11.74
N THR F 5 37.10 -7.11 -11.04
CA THR F 5 37.35 -7.31 -9.63
C THR F 5 36.72 -6.19 -8.84
N GLN F 6 35.62 -6.48 -8.15
CA GLN F 6 34.97 -5.46 -7.34
C GLN F 6 35.09 -5.77 -5.86
N SER F 7 35.17 -4.71 -5.07
CA SER F 7 35.37 -4.83 -3.64
C SER F 7 34.52 -3.76 -2.93
N PRO F 8 34.13 -4.04 -1.67
CA PRO F 8 34.42 -5.27 -0.94
C PRO F 8 33.47 -6.39 -1.29
N SER F 9 33.75 -7.60 -0.81
CA SER F 9 32.85 -8.73 -1.05
C SER F 9 31.51 -8.41 -0.41
N SER F 10 31.55 -7.78 0.75
CA SER F 10 30.34 -7.36 1.45
C SER F 10 30.66 -6.25 2.45
N MET F 11 29.65 -5.47 2.81
CA MET F 11 29.84 -4.43 3.81
C MET F 11 28.52 -4.14 4.50
N SER F 12 28.57 -3.86 5.80
CA SER F 12 27.38 -3.48 6.54
C SER F 12 27.36 -1.98 6.80
N VAL F 13 26.20 -1.35 6.65
CA VAL F 13 26.08 0.07 6.92
C VAL F 13 24.67 0.36 7.45
N SER F 14 24.55 1.45 8.20
CA SER F 14 23.30 1.84 8.84
C SER F 14 22.39 2.72 7.97
N LEU F 15 21.10 2.70 8.29
CA LEU F 15 20.12 3.51 7.56
C LEU F 15 20.44 4.99 7.58
N GLY F 16 20.60 5.56 6.38
CA GLY F 16 20.85 6.98 6.21
C GLY F 16 22.27 7.32 5.78
N ASP F 17 23.19 6.37 5.91
CA ASP F 17 24.59 6.62 5.59
C ASP F 17 24.82 6.74 4.09
N THR F 18 26.09 6.78 3.69
CA THR F 18 26.47 6.83 2.29
C THR F 18 27.59 5.82 2.09
N VAL F 19 27.45 4.95 1.10
CA VAL F 19 28.46 3.92 0.83
C VAL F 19 28.88 3.86 -0.62
N SER F 20 30.06 3.30 -0.85
CA SER F 20 30.57 3.13 -2.21
C SER F 20 31.38 1.84 -2.29
N PHE F 21 31.29 1.16 -3.42
CA PHE F 21 32.13 0.00 -3.68
C PHE F 21 32.70 0.12 -5.09
N THR F 22 33.97 -0.24 -5.25
CA THR F 22 34.67 -0.05 -6.51
C THR F 22 34.61 -1.30 -7.38
N CYS F 23 34.94 -1.13 -8.66
CA CYS F 23 35.08 -2.24 -9.58
C CYS F 23 36.31 -1.96 -10.44
N HIS F 24 37.25 -2.89 -10.46
CA HIS F 24 38.48 -2.73 -11.23
C HIS F 24 38.57 -3.71 -12.38
N ALA F 25 38.58 -3.18 -13.60
CA ALA F 25 38.69 -4.01 -14.80
C ALA F 25 40.15 -4.27 -15.12
N SER F 26 40.43 -5.45 -15.67
CA SER F 26 41.81 -5.81 -16.01
C SER F 26 42.41 -4.88 -17.05
N GLN F 27 41.54 -4.21 -17.81
CA GLN F 27 41.98 -3.19 -18.76
C GLN F 27 40.93 -2.09 -18.89
N GLY F 28 41.27 -1.03 -19.62
CA GLY F 28 40.35 0.08 -19.81
C GLY F 28 39.12 -0.34 -20.61
N ILE F 29 37.95 0.14 -20.19
CA ILE F 29 36.70 -0.23 -20.83
C ILE F 29 35.84 0.98 -21.20
N GLY F 30 36.43 2.16 -21.18
CA GLY F 30 35.79 3.37 -21.68
C GLY F 30 34.38 3.61 -21.16
N ARG F 31 34.21 3.48 -19.85
CA ARG F 31 32.92 3.74 -19.21
C ARG F 31 31.79 2.84 -19.72
N ASN F 32 32.16 1.73 -20.33
CA ASN F 32 31.16 0.76 -20.76
C ASN F 32 30.89 -0.26 -19.66
N ILE F 33 30.35 0.24 -18.55
CA ILE F 33 30.09 -0.59 -17.38
C ILE F 33 28.65 -0.40 -16.92
N GLY F 34 28.03 -1.48 -16.46
CA GLY F 34 26.69 -1.41 -15.91
C GLY F 34 26.66 -1.86 -14.48
N TRP F 35 25.83 -1.20 -13.66
CA TRP F 35 25.63 -1.63 -12.28
C TRP F 35 24.27 -2.28 -12.14
N LEU F 36 24.27 -3.51 -11.61
CA LEU F 36 23.05 -4.29 -11.46
C LEU F 36 22.70 -4.51 -9.99
N GLN F 37 21.41 -4.46 -9.68
CA GLN F 37 20.94 -4.72 -8.32
C GLN F 37 20.14 -6.02 -8.29
N GLN F 38 20.47 -6.90 -7.35
CA GLN F 38 19.74 -8.16 -7.22
C GLN F 38 19.25 -8.37 -5.79
N LYS F 39 17.96 -8.14 -5.57
CA LYS F 39 17.35 -8.42 -4.28
C LYS F 39 17.43 -9.93 -4.03
N PRO F 40 17.71 -10.32 -2.78
CA PRO F 40 17.86 -11.74 -2.45
C PRO F 40 16.68 -12.59 -2.90
N GLY F 41 16.97 -13.60 -3.71
CA GLY F 41 15.94 -14.52 -4.19
C GLY F 41 15.30 -14.08 -5.49
N LYS F 42 15.11 -12.77 -5.65
CA LYS F 42 14.46 -12.22 -6.84
C LYS F 42 15.45 -12.08 -8.00
N SER F 43 15.04 -11.37 -9.05
CA SER F 43 15.88 -11.18 -10.24
C SER F 43 16.69 -9.89 -10.16
N PHE F 44 17.15 -9.40 -11.31
CA PHE F 44 18.07 -8.27 -11.35
C PHE F 44 17.34 -7.02 -11.81
N LYS F 45 18.03 -5.89 -11.74
CA LYS F 45 17.49 -4.64 -12.21
C LYS F 45 18.67 -3.70 -12.47
N GLY F 46 18.81 -3.28 -13.73
CA GLY F 46 19.93 -2.42 -14.11
C GLY F 46 19.75 -1.01 -13.63
N LEU F 47 20.59 -0.57 -12.70
CA LEU F 47 20.44 0.77 -12.13
C LEU F 47 21.17 1.83 -12.95
N ILE F 48 22.41 1.54 -13.32
CA ILE F 48 23.24 2.54 -14.00
C ILE F 48 23.88 1.95 -15.25
N TYR F 49 23.86 2.71 -16.34
CA TYR F 49 24.45 2.24 -17.59
C TYR F 49 25.51 3.19 -18.14
N HIS F 50 26.47 2.59 -18.81
CA HIS F 50 27.61 3.30 -19.37
C HIS F 50 28.31 4.16 -18.31
N GLY F 51 28.40 3.62 -17.09
CA GLY F 51 29.21 4.21 -16.04
C GLY F 51 28.55 5.27 -15.17
N THR F 52 27.83 6.22 -15.79
CA THR F 52 27.36 7.38 -15.04
C THR F 52 25.89 7.74 -15.29
N ASN F 53 25.17 6.93 -16.04
CA ASN F 53 23.78 7.24 -16.37
C ASN F 53 22.76 6.50 -15.50
N LEU F 54 21.83 7.25 -14.93
CA LEU F 54 20.80 6.68 -14.06
C LEU F 54 19.55 6.27 -14.85
N LYS F 55 19.28 4.98 -14.91
CA LYS F 55 18.11 4.46 -15.62
C LYS F 55 16.82 4.97 -14.96
N ASP F 56 15.85 5.38 -15.77
CA ASP F 56 14.60 5.91 -15.23
C ASP F 56 13.93 4.93 -14.27
N GLY F 57 13.40 5.47 -13.19
CA GLY F 57 12.70 4.69 -12.18
C GLY F 57 13.64 4.29 -11.05
N VAL F 58 14.89 4.73 -11.16
CA VAL F 58 15.87 4.49 -10.10
C VAL F 58 16.13 5.80 -9.36
N PRO F 59 16.01 5.78 -8.03
CA PRO F 59 16.23 6.97 -7.19
C PRO F 59 17.53 7.70 -7.54
N SER F 60 17.53 9.01 -7.37
CA SER F 60 18.73 9.81 -7.64
C SER F 60 19.79 9.53 -6.58
N ARG F 61 19.39 8.82 -5.53
CA ARG F 61 20.31 8.42 -4.46
C ARG F 61 21.47 7.58 -5.02
N PHE F 62 21.20 6.86 -6.10
CA PHE F 62 22.22 6.05 -6.77
C PHE F 62 22.98 6.89 -7.78
N SER F 63 24.29 6.70 -7.86
CA SER F 63 25.10 7.38 -8.86
C SER F 63 26.39 6.61 -9.13
N GLY F 64 26.78 6.53 -10.40
CA GLY F 64 27.99 5.82 -10.78
C GLY F 64 29.04 6.81 -11.23
N SER F 65 30.31 6.46 -11.00
CA SER F 65 31.42 7.31 -11.37
C SER F 65 32.64 6.50 -11.76
N GLY F 66 33.64 7.16 -12.32
CA GLY F 66 34.87 6.50 -12.68
C GLY F 66 35.15 6.59 -14.17
N SER F 67 36.33 6.13 -14.56
CA SER F 67 36.71 6.09 -15.96
C SER F 67 37.89 5.14 -16.12
N GLY F 68 38.30 4.90 -17.35
CA GLY F 68 39.39 3.98 -17.61
C GLY F 68 39.05 2.59 -17.11
N ALA F 69 39.70 2.15 -16.04
CA ALA F 69 39.49 0.80 -15.52
C ALA F 69 38.97 0.76 -14.08
N ASP F 70 38.60 1.91 -13.53
CA ASP F 70 38.15 1.98 -12.14
C ASP F 70 36.85 2.74 -11.99
N TYR F 71 35.81 2.04 -11.55
CA TYR F 71 34.47 2.62 -11.44
C TYR F 71 33.89 2.36 -10.05
N SER F 72 32.98 3.23 -9.65
CA SER F 72 32.40 3.14 -8.31
C SER F 72 30.91 3.44 -8.34
N LEU F 73 30.13 2.55 -7.73
CA LEU F 73 28.73 2.84 -7.45
C LEU F 73 28.63 3.43 -6.05
N THR F 74 27.89 4.53 -5.92
CA THR F 74 27.75 5.22 -4.65
C THR F 74 26.29 5.47 -4.27
N ILE F 75 25.84 4.85 -3.19
CA ILE F 75 24.47 5.04 -2.70
C ILE F 75 24.46 5.99 -1.52
N SER F 76 23.58 6.98 -1.54
CA SER F 76 23.48 7.92 -0.43
C SER F 76 22.09 7.87 0.19
N ARG F 77 22.01 8.26 1.45
CA ARG F 77 20.76 8.21 2.21
C ARG F 77 20.15 6.83 2.09
N ILE F 78 20.98 5.80 2.29
CA ILE F 78 20.51 4.42 2.16
C ILE F 78 19.18 4.23 2.84
N GLU F 79 18.20 3.75 2.07
CA GLU F 79 16.88 3.46 2.62
C GLU F 79 16.75 1.95 2.83
N SER F 80 15.60 1.52 3.32
CA SER F 80 15.39 0.11 3.67
C SER F 80 15.36 -0.79 2.44
N GLU F 81 14.95 -0.24 1.30
CA GLU F 81 14.81 -1.05 0.09
C GLU F 81 16.04 -0.95 -0.81
N ASP F 82 17.22 -0.82 -0.21
CA ASP F 82 18.47 -0.77 -0.97
C ASP F 82 19.36 -1.93 -0.55
N PHE F 83 18.85 -2.82 0.28
CA PHE F 83 19.62 -3.93 0.81
C PHE F 83 19.56 -5.09 -0.17
N ALA F 84 20.59 -5.19 -1.01
CA ALA F 84 20.62 -6.21 -2.03
C ALA F 84 22.06 -6.53 -2.42
N ASP F 85 22.22 -7.41 -3.40
CA ASP F 85 23.53 -7.72 -3.94
C ASP F 85 23.75 -6.90 -5.20
N TYR F 86 24.95 -6.36 -5.36
CA TYR F 86 25.26 -5.49 -6.49
C TYR F 86 26.40 -6.03 -7.34
N TYR F 87 26.15 -6.15 -8.64
CA TYR F 87 27.14 -6.65 -9.58
C TYR F 87 27.51 -5.59 -10.59
N CYS F 88 28.74 -5.66 -11.11
CA CYS F 88 29.15 -4.78 -12.18
C CYS F 88 29.35 -5.61 -13.45
N ILE F 89 29.00 -5.05 -14.58
CA ILE F 89 29.18 -5.75 -15.85
C ILE F 89 29.89 -4.86 -16.85
N GLN F 90 30.77 -5.45 -17.65
CA GLN F 90 31.46 -4.75 -18.72
C GLN F 90 30.98 -5.30 -20.06
N TYR F 91 30.80 -4.42 -21.04
CA TYR F 91 30.36 -4.85 -22.36
C TYR F 91 31.08 -4.11 -23.49
N VAL F 92 32.36 -3.83 -23.28
CA VAL F 92 33.15 -3.16 -24.30
C VAL F 92 33.87 -4.19 -25.18
N GLN F 93 33.95 -5.42 -24.70
CA GLN F 93 34.48 -6.51 -25.50
C GLN F 93 33.89 -7.86 -25.08
N PHE F 94 33.91 -8.82 -26.01
CA PHE F 94 33.38 -10.15 -25.75
C PHE F 94 34.46 -11.04 -25.15
N PRO F 95 34.08 -11.91 -24.21
CA PRO F 95 32.71 -12.02 -23.68
C PRO F 95 32.43 -10.99 -22.59
N TYR F 96 31.15 -10.66 -22.40
CA TYR F 96 30.76 -9.76 -21.33
C TYR F 96 31.00 -10.46 -19.99
N THR F 97 31.69 -9.76 -19.09
CA THR F 97 32.06 -10.35 -17.81
C THR F 97 31.47 -9.58 -16.64
N PHE F 98 31.25 -10.28 -15.53
CA PHE F 98 30.65 -9.69 -14.33
C PHE F 98 31.66 -9.62 -13.20
N GLY F 99 31.31 -8.87 -12.16
CA GLY F 99 32.09 -8.85 -10.94
C GLY F 99 31.66 -9.96 -10.00
N GLY F 100 32.35 -10.08 -8.87
CA GLY F 100 32.05 -11.13 -7.92
C GLY F 100 30.81 -10.82 -7.12
N GLY F 101 30.46 -9.53 -7.08
CA GLY F 101 29.32 -9.08 -6.31
C GLY F 101 29.70 -8.38 -5.02
N THR F 102 28.74 -7.66 -4.46
CA THR F 102 28.93 -6.96 -3.19
C THR F 102 27.61 -6.98 -2.43
N LYS F 103 27.48 -7.92 -1.49
CA LYS F 103 26.26 -8.02 -0.70
C LYS F 103 26.20 -6.87 0.32
N LEU F 104 25.16 -6.05 0.23
CA LEU F 104 25.03 -4.91 1.11
C LEU F 104 24.04 -5.23 2.23
N GLU F 105 24.56 -5.44 3.43
CA GLU F 105 23.74 -5.77 4.59
C GLU F 105 23.49 -4.54 5.46
N ILE F 106 22.43 -4.61 6.27
CA ILE F 106 22.05 -3.48 7.11
C ILE F 106 22.32 -3.77 8.60
N LYS F 107 22.84 -2.77 9.29
CA LYS F 107 23.06 -2.87 10.73
C LYS F 107 21.88 -2.34 11.52
N ARG F 108 21.61 -2.99 12.65
CA ARG F 108 20.47 -2.61 13.49
C ARG F 108 20.71 -3.00 14.95
N ALA F 109 19.71 -2.74 15.78
CA ALA F 109 19.77 -3.11 17.18
C ALA F 109 19.75 -4.64 17.33
N ASP F 110 20.50 -5.15 18.28
CA ASP F 110 20.54 -6.58 18.55
C ASP F 110 19.16 -7.05 19.03
N ALA F 111 18.67 -8.14 18.43
CA ALA F 111 17.35 -8.66 18.78
C ALA F 111 17.43 -10.07 19.33
N ALA F 112 16.47 -10.41 20.20
CA ALA F 112 16.43 -11.73 20.81
C ALA F 112 15.65 -12.70 19.92
N PRO F 113 16.18 -13.93 19.75
CA PRO F 113 15.49 -14.95 18.96
C PRO F 113 14.25 -15.49 19.64
N THR F 114 13.10 -15.38 18.98
CA THR F 114 11.87 -16.02 19.46
C THR F 114 11.85 -17.47 19.02
N VAL F 115 12.05 -18.38 19.97
CA VAL F 115 12.18 -19.80 19.62
C VAL F 115 10.85 -20.53 19.75
N SER F 116 10.57 -21.39 18.79
CA SER F 116 9.38 -22.24 18.82
C SER F 116 9.77 -23.65 18.40
N ILE F 117 9.24 -24.65 19.10
CA ILE F 117 9.54 -26.03 18.73
C ILE F 117 8.27 -26.75 18.31
N PHE F 118 8.41 -27.66 17.34
CA PHE F 118 7.25 -28.38 16.80
C PHE F 118 7.59 -29.86 16.65
N PRO F 119 6.86 -30.74 17.36
CA PRO F 119 7.05 -32.18 17.20
C PRO F 119 6.57 -32.65 15.84
N PRO F 120 6.97 -33.86 15.42
CA PRO F 120 6.47 -34.47 14.18
C PRO F 120 4.96 -34.49 14.15
N SER F 121 4.38 -34.08 13.02
CA SER F 121 2.94 -34.08 12.85
C SER F 121 2.41 -35.51 12.83
N SER F 122 1.11 -35.67 13.05
CA SER F 122 0.50 -36.98 13.04
C SER F 122 0.69 -37.65 11.69
N GLU F 123 0.58 -36.84 10.63
CA GLU F 123 0.61 -37.36 9.27
C GLU F 123 1.98 -37.93 8.94
N GLN F 124 3.03 -37.22 9.33
CA GLN F 124 4.40 -37.63 9.05
C GLN F 124 4.77 -38.91 9.80
N LEU F 125 4.20 -39.09 10.99
CA LEU F 125 4.52 -40.24 11.81
C LEU F 125 3.89 -41.50 11.22
N THR F 126 2.98 -41.33 10.27
CA THR F 126 2.31 -42.47 9.67
C THR F 126 3.09 -43.02 8.47
N SER F 127 3.94 -42.20 7.85
CA SER F 127 4.70 -42.62 6.68
C SER F 127 5.93 -43.47 7.04
N GLY F 128 6.60 -43.15 8.13
CA GLY F 128 7.82 -43.85 8.53
C GLY F 128 8.98 -42.94 8.86
N GLY F 129 8.78 -41.64 8.74
CA GLY F 129 9.80 -40.67 9.09
C GLY F 129 9.33 -39.86 10.28
N ALA F 130 10.23 -39.05 10.84
CA ALA F 130 9.89 -38.19 11.97
C ALA F 130 10.83 -36.99 11.97
N SER F 131 10.27 -35.80 11.91
CA SER F 131 11.09 -34.58 11.95
C SER F 131 10.64 -33.67 13.09
N VAL F 132 11.59 -33.28 13.92
CA VAL F 132 11.36 -32.27 14.93
C VAL F 132 11.91 -30.94 14.43
N VAL F 133 11.04 -29.93 14.33
CA VAL F 133 11.41 -28.67 13.74
C VAL F 133 11.47 -27.57 14.80
N CYS F 134 12.53 -26.77 14.73
CA CYS F 134 12.76 -25.69 15.69
C CYS F 134 13.00 -24.37 14.97
N PHE F 135 12.08 -23.43 15.16
CA PHE F 135 12.18 -22.11 14.52
C PHE F 135 12.79 -21.09 15.47
N LEU F 136 13.85 -20.42 15.01
CA LEU F 136 14.48 -19.34 15.76
C LEU F 136 14.27 -18.07 14.94
N ASN F 137 13.35 -17.21 15.38
CA ASN F 137 12.90 -16.11 14.54
C ASN F 137 13.33 -14.72 15.00
N ASN F 138 13.56 -13.85 14.02
CA ASN F 138 13.81 -12.42 14.26
C ASN F 138 14.96 -12.13 15.23
N PHE F 139 16.17 -12.51 14.87
CA PHE F 139 17.32 -12.21 15.73
C PHE F 139 18.42 -11.49 14.96
N TYR F 140 19.33 -10.88 15.71
CA TYR F 140 20.46 -10.15 15.13
C TYR F 140 21.58 -10.08 16.15
N PRO F 141 22.84 -10.26 15.71
CA PRO F 141 23.28 -10.47 14.32
C PRO F 141 23.01 -11.88 13.80
N LYS F 142 23.51 -12.15 12.60
CA LYS F 142 23.29 -13.42 11.90
C LYS F 142 23.92 -14.60 12.64
N ASP F 143 25.09 -14.39 13.22
CA ASP F 143 25.82 -15.46 13.89
C ASP F 143 25.08 -15.95 15.13
N ILE F 144 24.73 -17.23 15.14
CA ILE F 144 24.03 -17.84 16.27
C ILE F 144 24.22 -19.35 16.27
N ASN F 145 24.27 -19.94 17.45
CA ASN F 145 24.52 -21.37 17.59
C ASN F 145 23.30 -22.13 18.12
N VAL F 146 23.06 -23.31 17.56
CA VAL F 146 21.93 -24.15 17.97
C VAL F 146 22.42 -25.54 18.38
N LYS F 147 21.87 -26.04 19.48
CA LYS F 147 22.30 -27.31 20.06
C LYS F 147 21.10 -28.20 20.32
N TRP F 148 21.18 -29.46 19.88
CA TRP F 148 20.09 -30.40 20.08
C TRP F 148 20.39 -31.38 21.20
N LYS F 149 19.40 -31.66 22.03
CA LYS F 149 19.55 -32.62 23.12
C LYS F 149 18.41 -33.64 23.10
N ILE F 150 18.76 -34.92 23.18
CA ILE F 150 17.78 -35.99 23.31
C ILE F 150 18.02 -36.77 24.60
N ASP F 151 17.07 -36.69 25.51
CA ASP F 151 17.19 -37.34 26.82
C ASP F 151 18.47 -36.93 27.52
N GLY F 152 18.75 -35.62 27.48
CA GLY F 152 19.88 -35.06 28.18
C GLY F 152 21.17 -35.10 27.40
N SER F 153 21.31 -36.08 26.52
CA SER F 153 22.51 -36.22 25.70
C SER F 153 22.41 -35.32 24.47
N GLU F 154 23.52 -34.66 24.14
CA GLU F 154 23.55 -33.76 22.99
C GLU F 154 23.70 -34.57 21.70
N ARG F 155 22.82 -34.32 20.74
CA ARG F 155 22.89 -34.99 19.45
C ARG F 155 23.38 -34.05 18.34
N GLN F 156 24.41 -34.48 17.64
CA GLN F 156 25.06 -33.64 16.64
C GLN F 156 24.52 -33.97 15.24
N ASN F 157 24.69 -35.23 14.83
CA ASN F 157 24.28 -35.63 13.49
C ASN F 157 22.77 -35.76 13.33
N GLY F 158 22.29 -35.56 12.11
CA GLY F 158 20.88 -35.62 11.79
C GLY F 158 20.25 -34.24 11.88
N VAL F 159 21.09 -33.21 11.95
CA VAL F 159 20.62 -31.85 12.12
C VAL F 159 21.00 -30.99 10.91
N LEU F 160 19.99 -30.35 10.32
CA LEU F 160 20.19 -29.44 9.19
C LEU F 160 19.76 -28.03 9.56
N ASN F 161 20.59 -27.06 9.20
CA ASN F 161 20.32 -25.66 9.54
C ASN F 161 20.17 -24.79 8.31
N SER F 162 19.17 -23.91 8.33
CA SER F 162 18.92 -23.03 7.20
C SER F 162 18.58 -21.61 7.65
N TRP F 163 19.39 -20.65 7.22
CA TRP F 163 19.17 -19.24 7.55
C TRP F 163 18.43 -18.52 6.43
N THR F 164 17.56 -17.59 6.78
CA THR F 164 16.89 -16.78 5.77
C THR F 164 17.79 -15.60 5.42
N ASP F 165 17.42 -14.88 4.36
CA ASP F 165 18.12 -13.65 4.02
C ASP F 165 17.64 -12.58 4.98
N GLN F 166 18.34 -11.44 5.01
CA GLN F 166 17.95 -10.37 5.89
C GLN F 166 16.59 -9.82 5.49
N ASP F 167 15.63 -9.90 6.41
CA ASP F 167 14.31 -9.33 6.20
C ASP F 167 14.48 -7.85 5.87
N SER F 168 13.89 -7.41 4.76
CA SER F 168 14.04 -6.03 4.33
C SER F 168 13.03 -5.11 5.02
N LYS F 169 12.50 -5.55 6.16
CA LYS F 169 11.57 -4.74 6.93
C LYS F 169 12.13 -4.45 8.32
N ASP F 170 12.21 -5.48 9.16
CA ASP F 170 12.76 -5.31 10.51
C ASP F 170 14.27 -5.52 10.51
N SER F 171 14.82 -5.88 9.35
CA SER F 171 16.26 -6.02 9.18
C SER F 171 16.85 -7.17 10.01
N THR F 172 16.01 -8.08 10.47
CA THR F 172 16.46 -9.21 11.28
C THR F 172 16.61 -10.47 10.45
N TYR F 173 17.26 -11.47 11.03
CA TYR F 173 17.41 -12.77 10.39
C TYR F 173 16.52 -13.79 11.08
N SER F 174 16.40 -14.96 10.46
CA SER F 174 15.66 -16.07 11.04
C SER F 174 16.31 -17.38 10.64
N MET F 175 16.02 -18.44 11.40
CA MET F 175 16.66 -19.72 11.18
C MET F 175 15.74 -20.87 11.55
N SER F 176 15.92 -22.02 10.89
CA SER F 176 15.28 -23.25 11.32
C SER F 176 16.33 -24.33 11.50
N SER F 177 16.12 -25.19 12.48
CA SER F 177 16.99 -26.34 12.70
C SER F 177 16.07 -27.56 12.71
N THR F 178 16.44 -28.57 11.94
CA THR F 178 15.61 -29.76 11.79
C THR F 178 16.32 -31.03 12.20
N LEU F 179 15.74 -31.74 13.16
CA LEU F 179 16.25 -33.04 13.56
C LEU F 179 15.46 -34.09 12.82
N THR F 180 16.15 -34.89 12.00
CA THR F 180 15.45 -35.89 11.19
C THR F 180 15.71 -37.31 11.67
N LEU F 181 14.65 -37.96 12.15
CA LEU F 181 14.76 -39.31 12.67
C LEU F 181 13.80 -40.26 11.95
N THR F 182 14.00 -41.55 12.14
CA THR F 182 13.05 -42.57 11.71
C THR F 182 11.98 -42.71 12.78
N LYS F 183 10.79 -43.17 12.41
CA LYS F 183 9.70 -43.31 13.37
C LYS F 183 10.12 -44.17 14.55
N ASP F 184 10.92 -45.20 14.28
CA ASP F 184 11.37 -46.12 15.32
C ASP F 184 12.17 -45.38 16.39
N GLU F 185 13.25 -44.75 15.97
CA GLU F 185 14.16 -44.09 16.89
C GLU F 185 13.57 -42.82 17.50
N TYR F 186 12.47 -42.32 16.95
CA TYR F 186 11.80 -41.18 17.55
C TYR F 186 10.96 -41.63 18.73
N GLU F 187 10.21 -42.72 18.53
CA GLU F 187 9.39 -43.29 19.59
C GLU F 187 10.26 -44.17 20.47
N ARG F 188 11.57 -44.12 20.23
CA ARG F 188 12.51 -44.89 21.03
C ARG F 188 13.15 -43.98 22.10
N HIS F 189 12.97 -42.66 21.98
CA HIS F 189 13.43 -41.70 22.98
C HIS F 189 12.24 -40.93 23.58
N ASN F 190 12.46 -40.14 24.64
CA ASN F 190 11.31 -39.49 25.29
C ASN F 190 11.31 -37.94 25.37
N SER F 191 12.48 -37.37 25.54
CA SER F 191 12.63 -35.93 25.78
C SER F 191 13.38 -35.26 24.60
N TYR F 192 12.83 -34.19 24.03
CA TYR F 192 13.50 -33.50 22.93
C TYR F 192 13.66 -32.02 23.24
N THR F 193 14.90 -31.56 23.22
CA THR F 193 15.22 -30.19 23.60
C THR F 193 16.02 -29.46 22.52
N CYS F 194 15.59 -28.25 22.21
CA CYS F 194 16.22 -27.41 21.21
C CYS F 194 16.65 -26.08 21.84
N GLU F 195 17.95 -25.86 21.95
CA GLU F 195 18.44 -24.66 22.66
C GLU F 195 19.37 -23.78 21.82
N ALA F 196 19.12 -22.47 21.87
CA ALA F 196 19.88 -21.51 21.08
C ALA F 196 20.88 -20.75 21.95
N THR F 197 22.07 -20.51 21.42
CA THR F 197 23.10 -19.77 22.13
C THR F 197 23.53 -18.54 21.33
N HIS F 198 23.07 -17.37 21.77
CA HIS F 198 23.31 -16.13 21.04
C HIS F 198 23.97 -15.10 21.94
N LYS F 199 24.59 -14.11 21.29
CA LYS F 199 25.33 -13.04 21.94
C LYS F 199 24.45 -12.04 22.70
N THR F 200 23.15 -12.13 22.43
CA THR F 200 22.16 -11.23 23.02
C THR F 200 21.85 -11.57 24.47
N SER F 201 22.23 -12.77 24.90
CA SER F 201 22.02 -13.21 26.26
C SER F 201 22.98 -14.33 26.63
N THR F 202 23.55 -14.27 27.82
CA THR F 202 24.45 -15.31 28.30
C THR F 202 23.70 -16.60 28.62
N SER F 203 22.42 -16.48 28.96
CA SER F 203 21.60 -17.64 29.26
C SER F 203 20.96 -18.18 27.98
N PRO F 204 21.27 -19.44 27.61
CA PRO F 204 20.74 -20.05 26.39
C PRO F 204 19.21 -20.10 26.40
N ILE F 205 18.59 -19.84 25.25
CA ILE F 205 17.14 -19.95 25.12
C ILE F 205 16.75 -21.39 24.77
N VAL F 206 15.97 -22.00 25.65
CA VAL F 206 15.67 -23.43 25.55
C VAL F 206 14.19 -23.68 25.30
N LYS F 207 13.90 -24.55 24.34
CA LYS F 207 12.54 -25.04 24.13
C LYS F 207 12.56 -26.57 24.12
N SER F 208 11.49 -27.18 24.61
CA SER F 208 11.45 -28.64 24.70
C SER F 208 10.02 -29.18 24.87
N PHE F 209 9.89 -30.48 24.71
CA PHE F 209 8.61 -31.16 24.92
C PHE F 209 8.89 -32.63 25.23
N ASN F 210 7.85 -33.34 25.68
CA ASN F 210 7.95 -34.77 25.95
C ASN F 210 7.01 -35.56 25.05
N ARG F 211 7.53 -36.61 24.44
CA ARG F 211 6.79 -37.40 23.47
C ARG F 211 5.42 -37.85 23.98
N ASN F 212 5.42 -38.61 25.08
CA ASN F 212 4.17 -39.14 25.62
C ASN F 212 3.08 -38.06 25.76
N GLU F 213 3.44 -36.92 26.34
CA GLU F 213 2.46 -35.87 26.57
C GLU F 213 2.16 -35.15 25.25
#